data_1I5L
#
_entry.id   1I5L
#
_cell.length_a   69.858
_cell.length_b   130.438
_cell.length_c   70.047
_cell.angle_alpha   90
_cell.angle_beta   115.36
_cell.angle_gamma   90
#
_symmetry.space_group_name_H-M   'P 1 21 1'
#
loop_
_entity.id
_entity.type
_entity.pdbx_description
1 polymer "5'-R(*UP*UP*U)-3'"
2 polymer 'PUTATIVE SNRNP SM-LIKE PROTEIN AF-SM1'
3 non-polymer URIDINE
4 water water
#
loop_
_entity_poly.entity_id
_entity_poly.type
_entity_poly.pdbx_seq_one_letter_code
_entity_poly.pdbx_strand_id
1 'polyribonucleotide' UUU U,Y
2 'polypeptide(L)' MPPRPLDVLNRSLKSPVIVRLKGGREFRGTLDGYDIHMNLVLLDAEEIQNGEVVRKVGSVVIRGDTVVFVSPAPGGE A,B,C,D,E,F,G,H,I,J,K,L,M,N
#
# COMPACT_ATOMS: atom_id res chain seq x y z
N PRO C 3 -19.26 -38.55 1.02
CA PRO C 3 -18.44 -38.18 -0.15
C PRO C 3 -17.64 -36.91 0.12
N ARG C 4 -16.53 -37.08 0.84
CA ARG C 4 -15.62 -36.00 1.22
C ARG C 4 -14.28 -36.62 1.64
N PRO C 5 -13.16 -36.18 1.02
CA PRO C 5 -11.82 -36.70 1.32
C PRO C 5 -11.53 -36.93 2.80
N LEU C 6 -11.55 -35.86 3.59
CA LEU C 6 -11.27 -35.97 5.02
C LEU C 6 -12.13 -37.04 5.72
N ASP C 7 -13.29 -37.34 5.16
CA ASP C 7 -14.17 -38.36 5.75
C ASP C 7 -13.64 -39.77 5.53
N VAL C 8 -12.95 -39.98 4.40
CA VAL C 8 -12.37 -41.27 4.09
C VAL C 8 -11.18 -41.54 4.99
N LEU C 9 -10.38 -40.51 5.26
CA LEU C 9 -9.24 -40.68 6.14
C LEU C 9 -9.79 -41.19 7.45
N ASN C 10 -10.76 -40.45 7.97
CA ASN C 10 -11.38 -40.77 9.24
C ASN C 10 -11.92 -42.19 9.27
N ARG C 11 -12.37 -42.69 8.12
CA ARG C 11 -12.90 -44.05 8.03
C ARG C 11 -11.75 -45.04 8.05
N SER C 12 -10.53 -44.53 8.21
CA SER C 12 -9.33 -45.38 8.23
C SER C 12 -8.54 -45.29 9.54
N LEU C 13 -9.06 -44.53 10.50
CA LEU C 13 -8.39 -44.36 11.78
C LEU C 13 -8.23 -45.69 12.50
N LYS C 14 -6.99 -45.97 12.91
CA LYS C 14 -6.66 -47.19 13.63
C LYS C 14 -6.49 -48.37 12.70
N SER C 15 -6.23 -48.09 11.42
CA SER C 15 -6.03 -49.14 10.44
C SER C 15 -4.74 -48.86 9.66
N PRO C 16 -4.12 -49.90 9.09
CA PRO C 16 -2.88 -49.72 8.32
C PRO C 16 -3.08 -48.92 7.03
N VAL C 17 -2.10 -48.08 6.72
CA VAL C 17 -2.15 -47.23 5.55
C VAL C 17 -0.76 -47.01 4.96
N ILE C 18 -0.73 -46.41 3.78
CA ILE C 18 0.53 -46.12 3.11
C ILE C 18 0.54 -44.68 2.69
N VAL C 19 1.57 -43.95 3.10
CA VAL C 19 1.67 -42.55 2.76
C VAL C 19 2.85 -42.35 1.82
N ARG C 20 2.58 -41.69 0.68
CA ARG C 20 3.60 -41.38 -0.31
C ARG C 20 3.90 -39.90 -0.25
N LEU C 21 5.17 -39.56 -0.05
CA LEU C 21 5.59 -38.16 0.05
C LEU C 21 6.32 -37.74 -1.19
N LYS C 22 6.28 -36.45 -1.50
CA LYS C 22 6.97 -35.96 -2.66
C LYS C 22 8.44 -36.23 -2.44
N GLY C 23 9.21 -36.30 -3.51
CA GLY C 23 10.62 -36.57 -3.38
C GLY C 23 10.88 -38.04 -3.62
N GLY C 24 9.88 -38.87 -3.35
CA GLY C 24 10.04 -40.30 -3.57
C GLY C 24 9.63 -41.30 -2.51
N ARG C 25 10.12 -41.12 -1.28
CA ARG C 25 9.88 -42.04 -0.16
C ARG C 25 8.46 -42.23 0.36
N GLU C 26 8.21 -43.40 0.94
CA GLU C 26 6.89 -43.75 1.49
C GLU C 26 6.90 -44.10 3.00
N PHE C 27 5.70 -44.21 3.58
CA PHE C 27 5.55 -44.57 4.98
C PHE C 27 4.44 -45.59 5.13
N ARG C 28 4.68 -46.61 5.94
CA ARG C 28 3.67 -47.64 6.18
C ARG C 28 3.44 -47.74 7.68
N GLY C 29 2.19 -47.65 8.11
CA GLY C 29 1.89 -47.75 9.54
C GLY C 29 0.42 -47.56 9.86
N THR C 30 0.10 -47.44 11.14
CA THR C 30 -1.29 -47.26 11.56
C THR C 30 -1.63 -45.78 11.66
N LEU C 31 -2.65 -45.36 10.91
CA LEU C 31 -3.09 -43.97 10.95
C LEU C 31 -3.67 -43.72 12.33
N ASP C 32 -3.13 -42.72 13.03
CA ASP C 32 -3.61 -42.41 14.35
C ASP C 32 -4.45 -41.13 14.26
N GLY C 33 -3.95 -40.09 13.61
CA GLY C 33 -4.70 -38.85 13.50
C GLY C 33 -4.39 -38.02 12.27
N TYR C 34 -5.04 -36.86 12.16
CA TYR C 34 -4.87 -35.96 11.01
C TYR C 34 -5.61 -34.64 11.24
N ASP C 35 -5.28 -33.61 10.48
CA ASP C 35 -5.99 -32.34 10.62
C ASP C 35 -6.31 -31.69 9.26
N ILE C 36 -6.93 -30.50 9.28
CA ILE C 36 -7.30 -29.80 8.05
C ILE C 36 -6.14 -29.64 7.07
N HIS C 37 -4.93 -29.48 7.62
CA HIS C 37 -3.71 -29.34 6.83
C HIS C 37 -3.28 -30.73 6.37
N MET C 38 -4.11 -31.71 6.66
CA MET C 38 -3.81 -33.08 6.29
C MET C 38 -2.48 -33.58 6.88
N ASN C 39 -2.09 -33.02 8.02
CA ASN C 39 -0.90 -33.48 8.71
C ASN C 39 -1.32 -34.85 9.18
N LEU C 40 -0.40 -35.77 9.30
CA LEU C 40 -0.75 -37.11 9.72
C LEU C 40 0.08 -37.58 10.89
N VAL C 41 -0.46 -38.56 11.61
CA VAL C 41 0.23 -39.16 12.75
C VAL C 41 0.20 -40.69 12.51
N LEU C 42 1.36 -41.32 12.55
CA LEU C 42 1.44 -42.77 12.35
C LEU C 42 2.03 -43.49 13.57
N LEU C 43 1.57 -44.71 13.81
CA LEU C 43 2.07 -45.50 14.92
C LEU C 43 2.70 -46.78 14.39
N ASP C 44 3.90 -47.09 14.84
CA ASP C 44 4.61 -48.29 14.41
C ASP C 44 4.71 -48.24 12.90
N ALA C 45 5.57 -47.34 12.43
CA ALA C 45 5.77 -47.12 11.01
C ALA C 45 7.17 -47.35 10.48
N GLU C 46 7.22 -47.56 9.17
CA GLU C 46 8.47 -47.81 8.46
C GLU C 46 8.61 -46.84 7.29
N GLU C 47 9.82 -46.31 7.10
CA GLU C 47 10.09 -45.39 5.99
C GLU C 47 10.65 -46.23 4.85
N ILE C 48 9.86 -46.48 3.81
CA ILE C 48 10.38 -47.26 2.69
C ILE C 48 10.92 -46.42 1.55
N GLN C 49 12.04 -46.87 1.00
CA GLN C 49 12.71 -46.18 -0.09
C GLN C 49 13.12 -47.14 -1.19
N ASN C 50 12.70 -46.83 -2.41
CA ASN C 50 13.03 -47.65 -3.57
C ASN C 50 12.72 -49.11 -3.31
N GLY C 51 11.83 -49.37 -2.36
CA GLY C 51 11.45 -50.74 -2.05
C GLY C 51 12.15 -51.41 -0.87
N GLU C 52 13.01 -50.67 -0.18
CA GLU C 52 13.73 -51.21 0.98
C GLU C 52 13.31 -50.55 2.29
N VAL C 53 13.03 -51.37 3.30
CA VAL C 53 12.67 -50.80 4.60
C VAL C 53 13.87 -49.98 5.00
N VAL C 54 13.69 -48.67 5.08
CA VAL C 54 14.76 -47.75 5.41
C VAL C 54 14.78 -47.23 6.85
N ARG C 55 13.78 -47.56 7.65
CA ARG C 55 13.74 -47.05 9.03
C ARG C 55 12.44 -47.36 9.73
N LYS C 56 12.51 -47.74 11.01
CA LYS C 56 11.30 -48.02 11.80
C LYS C 56 11.19 -47.00 12.94
N VAL C 57 9.97 -46.58 13.23
CA VAL C 57 9.74 -45.60 14.30
C VAL C 57 8.46 -45.88 15.08
N GLY C 58 8.49 -45.56 16.37
CA GLY C 58 7.32 -45.79 17.20
C GLY C 58 6.14 -44.97 16.71
N SER C 59 6.45 -43.85 16.05
CA SER C 59 5.41 -42.98 15.54
C SER C 59 6.00 -41.72 14.91
N VAL C 60 5.26 -41.12 13.97
CA VAL C 60 5.71 -39.91 13.29
C VAL C 60 4.58 -38.92 13.04
N VAL C 61 4.97 -37.66 12.99
CA VAL C 61 4.05 -36.60 12.67
C VAL C 61 4.54 -36.08 11.31
N ILE C 62 3.78 -36.41 10.26
CA ILE C 62 4.11 -36.03 8.89
C ILE C 62 3.44 -34.74 8.43
N ARG C 63 4.22 -33.71 8.08
CA ARG C 63 3.64 -32.43 7.57
C ARG C 63 2.74 -32.68 6.33
N GLY C 64 1.50 -32.22 6.38
CA GLY C 64 0.59 -32.43 5.25
C GLY C 64 1.19 -31.98 3.93
N ASP C 65 1.76 -30.79 3.97
CA ASP C 65 2.41 -30.17 2.82
C ASP C 65 3.34 -31.12 2.06
N THR C 66 3.79 -32.17 2.73
CA THR C 66 4.71 -33.12 2.12
C THR C 66 4.01 -34.36 1.59
N VAL C 67 2.71 -34.44 1.78
CA VAL C 67 1.98 -35.61 1.31
C VAL C 67 1.56 -35.56 -0.16
N VAL C 68 1.47 -36.73 -0.78
CA VAL C 68 1.02 -36.82 -2.15
C VAL C 68 -0.29 -37.57 -2.03
N PHE C 69 -0.25 -38.78 -1.46
CA PHE C 69 -1.49 -39.53 -1.29
C PHE C 69 -1.51 -40.60 -0.17
N VAL C 70 -2.70 -40.89 0.34
CA VAL C 70 -2.85 -41.85 1.41
C VAL C 70 -3.80 -42.95 0.97
N SER C 71 -3.43 -44.21 1.20
CA SER C 71 -4.29 -45.32 0.81
C SER C 71 -4.40 -46.43 1.83
N PRO C 72 -5.59 -47.04 1.94
CA PRO C 72 -5.88 -48.13 2.89
C PRO C 72 -5.26 -49.45 2.46
N ALA C 73 -5.23 -50.42 3.38
CA ALA C 73 -4.68 -51.74 3.10
C ALA C 73 -3.27 -51.68 2.52
N PRO D 3 -16.82 -20.21 -10.57
CA PRO D 3 -17.04 -21.53 -9.94
C PRO D 3 -17.87 -22.53 -10.76
N ARG D 4 -17.30 -22.94 -11.88
CA ARG D 4 -17.91 -23.92 -12.80
C ARG D 4 -17.03 -25.19 -12.83
N PRO D 5 -15.70 -25.02 -12.68
CA PRO D 5 -14.83 -26.20 -12.70
C PRO D 5 -15.28 -27.22 -11.64
N LEU D 6 -15.49 -26.75 -10.41
CA LEU D 6 -15.93 -27.65 -9.33
C LEU D 6 -17.23 -28.34 -9.69
N ASP D 7 -18.03 -27.70 -10.53
CA ASP D 7 -19.30 -28.29 -10.96
C ASP D 7 -19.05 -29.49 -11.87
N VAL D 8 -18.09 -29.34 -12.78
CA VAL D 8 -17.74 -30.42 -13.71
C VAL D 8 -17.29 -31.67 -12.98
N LEU D 9 -16.58 -31.46 -11.88
CA LEU D 9 -16.09 -32.56 -11.06
C LEU D 9 -17.29 -33.32 -10.51
N ASN D 10 -18.27 -32.57 -10.03
CA ASN D 10 -19.48 -33.14 -9.47
C ASN D 10 -20.26 -33.94 -10.50
N ARG D 11 -20.31 -33.43 -11.71
CA ARG D 11 -21.01 -34.10 -12.79
C ARG D 11 -20.33 -35.42 -13.14
N SER D 12 -19.23 -35.71 -12.45
CA SER D 12 -18.48 -36.93 -12.73
C SER D 12 -18.41 -37.88 -11.53
N LEU D 13 -19.05 -37.48 -10.44
CA LEU D 13 -19.06 -38.33 -9.25
C LEU D 13 -19.61 -39.72 -9.62
N LYS D 14 -18.84 -40.75 -9.31
CA LYS D 14 -19.21 -42.15 -9.57
C LYS D 14 -18.83 -42.63 -10.96
N SER D 15 -18.42 -41.72 -11.83
CA SER D 15 -18.01 -42.09 -13.17
C SER D 15 -16.48 -42.22 -13.13
N PRO D 16 -15.89 -42.99 -14.06
CA PRO D 16 -14.43 -43.17 -14.10
C PRO D 16 -13.72 -41.90 -14.56
N VAL D 17 -12.49 -41.70 -14.07
CA VAL D 17 -11.71 -40.52 -14.42
C VAL D 17 -10.20 -40.80 -14.41
N ILE D 18 -9.46 -39.85 -14.98
CA ILE D 18 -8.00 -39.95 -15.05
C ILE D 18 -7.42 -38.70 -14.40
N VAL D 19 -6.55 -38.87 -13.41
CA VAL D 19 -5.93 -37.73 -12.74
C VAL D 19 -4.43 -37.76 -13.03
N ARG D 20 -3.84 -36.57 -13.15
CA ARG D 20 -2.41 -36.46 -13.40
C ARG D 20 -1.87 -35.57 -12.28
N LEU D 21 -0.77 -35.98 -11.66
CA LEU D 21 -0.17 -35.23 -10.56
C LEU D 21 1.12 -34.51 -10.98
N LYS D 22 1.42 -33.37 -10.37
CA LYS D 22 2.67 -32.69 -10.72
C LYS D 22 3.78 -33.74 -10.74
N GLY D 23 4.59 -33.76 -11.79
CA GLY D 23 5.66 -34.74 -11.83
C GLY D 23 5.57 -35.80 -12.91
N GLY D 24 4.49 -36.58 -12.93
CA GLY D 24 4.35 -37.60 -13.94
C GLY D 24 3.34 -38.71 -13.69
N ARG D 25 3.17 -39.08 -12.42
CA ARG D 25 2.23 -40.15 -12.05
C ARG D 25 0.79 -39.87 -12.46
N GLU D 26 0.12 -40.89 -12.97
CA GLU D 26 -1.27 -40.80 -13.40
C GLU D 26 -2.14 -41.83 -12.71
N PHE D 27 -3.38 -41.47 -12.40
CA PHE D 27 -4.30 -42.40 -11.73
C PHE D 27 -5.59 -42.61 -12.49
N ARG D 28 -6.12 -43.83 -12.40
CA ARG D 28 -7.37 -44.15 -13.08
C ARG D 28 -8.29 -44.91 -12.16
N GLY D 29 -9.44 -44.32 -11.89
CA GLY D 29 -10.40 -44.99 -11.04
C GLY D 29 -11.69 -44.19 -10.93
N THR D 30 -12.62 -44.69 -10.12
CA THR D 30 -13.89 -44.02 -9.94
C THR D 30 -13.78 -42.82 -8.98
N LEU D 31 -14.19 -41.66 -9.45
CA LEU D 31 -14.16 -40.47 -8.63
C LEU D 31 -15.21 -40.68 -7.56
N ASP D 32 -14.82 -40.63 -6.29
CA ASP D 32 -15.77 -40.83 -5.21
C ASP D 32 -16.23 -39.51 -4.60
N GLY D 33 -15.27 -38.67 -4.21
CA GLY D 33 -15.62 -37.38 -3.63
C GLY D 33 -14.58 -36.35 -3.98
N TYR D 34 -14.63 -35.18 -3.32
CA TYR D 34 -13.68 -34.08 -3.55
C TYR D 34 -14.09 -32.91 -2.66
N ASP D 35 -13.27 -31.85 -2.60
CA ASP D 35 -13.57 -30.68 -1.76
C ASP D 35 -12.81 -29.39 -2.15
N ILE D 36 -13.44 -28.24 -1.91
CA ILE D 36 -12.86 -26.93 -2.20
C ILE D 36 -11.40 -26.88 -2.65
N HIS D 37 -10.51 -27.46 -1.84
CA HIS D 37 -9.06 -27.50 -2.08
C HIS D 37 -8.69 -28.26 -3.34
N MET D 38 -9.53 -29.24 -3.65
CA MET D 38 -9.41 -30.12 -4.80
C MET D 38 -8.75 -31.45 -4.45
N ASN D 39 -8.84 -31.84 -3.18
CA ASN D 39 -8.33 -33.11 -2.74
C ASN D 39 -9.33 -34.06 -3.36
N LEU D 40 -8.92 -35.26 -3.74
CA LEU D 40 -9.87 -36.18 -4.35
C LEU D 40 -9.88 -37.52 -3.65
N VAL D 41 -10.92 -38.31 -3.91
CA VAL D 41 -11.04 -39.64 -3.36
C VAL D 41 -11.32 -40.56 -4.53
N LEU D 42 -10.44 -41.51 -4.79
CA LEU D 42 -10.67 -42.43 -5.90
C LEU D 42 -10.91 -43.85 -5.39
N LEU D 43 -11.78 -44.57 -6.05
CA LEU D 43 -12.05 -45.95 -5.68
C LEU D 43 -11.52 -46.83 -6.80
N ASP D 44 -11.10 -48.04 -6.44
CA ASP D 44 -10.56 -49.00 -7.40
C ASP D 44 -9.72 -48.25 -8.42
N ALA D 45 -8.54 -47.81 -8.01
CA ALA D 45 -7.66 -47.08 -8.91
C ALA D 45 -6.36 -47.82 -9.18
N GLU D 46 -5.66 -47.33 -10.21
CA GLU D 46 -4.39 -47.89 -10.66
C GLU D 46 -3.40 -46.78 -10.98
N GLU D 47 -2.14 -46.96 -10.63
CA GLU D 47 -1.09 -46.00 -10.93
C GLU D 47 -0.66 -46.28 -12.38
N ILE D 48 -0.41 -45.22 -13.18
CA ILE D 48 -0.05 -45.48 -14.60
C ILE D 48 1.10 -44.74 -15.26
N GLN D 49 1.60 -45.39 -16.31
CA GLN D 49 2.69 -44.93 -17.18
C GLN D 49 2.55 -45.53 -18.55
N ASN D 50 2.92 -44.77 -19.59
CA ASN D 50 2.83 -45.25 -20.96
C ASN D 50 1.47 -45.83 -21.36
N GLY D 51 0.40 -45.34 -20.74
CA GLY D 51 -0.92 -45.82 -21.12
C GLY D 51 -1.65 -46.89 -20.33
N GLU D 52 -0.92 -47.80 -19.67
CA GLU D 52 -1.61 -48.84 -18.91
C GLU D 52 -1.07 -49.31 -17.57
N VAL D 53 -1.91 -50.09 -16.90
CA VAL D 53 -1.67 -50.68 -15.59
C VAL D 53 -0.22 -50.76 -15.14
N VAL D 54 -0.02 -50.59 -13.83
CA VAL D 54 1.28 -50.64 -13.20
C VAL D 54 1.14 -51.06 -11.74
N ARG D 55 -0.09 -50.96 -11.21
CA ARG D 55 -0.35 -51.33 -9.82
C ARG D 55 -1.82 -51.06 -9.46
N LYS D 56 -2.23 -51.38 -8.23
CA LYS D 56 -3.60 -51.18 -7.81
C LYS D 56 -3.80 -50.83 -6.32
N VAL D 57 -4.93 -50.17 -6.02
CA VAL D 57 -5.29 -49.77 -4.67
C VAL D 57 -6.81 -49.54 -4.52
N GLY D 58 -7.41 -50.26 -3.57
CA GLY D 58 -8.84 -50.15 -3.31
C GLY D 58 -9.36 -48.73 -3.26
N SER D 59 -8.49 -47.79 -2.92
CA SER D 59 -8.85 -46.37 -2.84
C SER D 59 -7.68 -45.49 -2.40
N VAL D 60 -7.73 -44.22 -2.80
CA VAL D 60 -6.69 -43.27 -2.47
C VAL D 60 -7.23 -41.87 -2.29
N VAL D 61 -6.60 -41.12 -1.39
CA VAL D 61 -6.99 -39.76 -1.11
C VAL D 61 -5.81 -38.90 -1.55
N ILE D 62 -6.00 -38.18 -2.65
CA ILE D 62 -4.96 -37.33 -3.25
C ILE D 62 -5.06 -35.90 -2.74
N ARG D 63 -3.93 -35.25 -2.51
CA ARG D 63 -3.91 -33.86 -2.04
C ARG D 63 -4.08 -32.90 -3.23
N GLY D 64 -5.12 -32.10 -3.21
CA GLY D 64 -5.35 -31.17 -4.30
C GLY D 64 -4.10 -30.44 -4.76
N ASP D 65 -3.18 -30.23 -3.82
CA ASP D 65 -1.94 -29.52 -4.09
C ASP D 65 -1.07 -30.25 -5.12
N THR D 66 -1.29 -31.54 -5.27
CA THR D 66 -0.56 -32.41 -6.19
C THR D 66 -1.16 -32.54 -7.61
N VAL D 67 -2.42 -32.12 -7.76
CA VAL D 67 -3.11 -32.25 -9.04
C VAL D 67 -2.77 -31.25 -10.13
N VAL D 68 -2.71 -31.76 -11.37
CA VAL D 68 -2.45 -30.93 -12.53
C VAL D 68 -3.79 -30.89 -13.27
N PHE D 69 -4.35 -32.07 -13.55
CA PHE D 69 -5.65 -32.10 -14.22
C PHE D 69 -6.45 -33.36 -14.03
N VAL D 70 -7.75 -33.23 -14.16
CA VAL D 70 -8.64 -34.38 -14.05
C VAL D 70 -9.52 -34.38 -15.29
N SER D 71 -9.74 -35.55 -15.87
CA SER D 71 -10.59 -35.62 -17.05
C SER D 71 -11.38 -36.93 -17.07
N PRO D 72 -12.69 -36.84 -17.32
CA PRO D 72 -13.60 -37.99 -17.38
C PRO D 72 -13.14 -38.94 -18.47
N ALA D 73 -13.04 -40.21 -18.15
CA ALA D 73 -12.57 -41.14 -19.15
C ALA D 73 -13.08 -42.56 -18.98
N PRO D 74 -14.03 -42.98 -19.83
CA PRO D 74 -14.61 -44.33 -19.79
C PRO D 74 -13.55 -45.27 -20.36
N GLY D 75 -12.76 -44.73 -21.27
CA GLY D 75 -11.69 -45.50 -21.90
C GLY D 75 -10.39 -44.71 -21.88
N MET E 1 -10.82 2.86 -22.39
CA MET E 1 -9.60 2.43 -21.67
C MET E 1 -9.93 1.39 -20.61
N PRO E 2 -10.44 0.21 -21.05
CA PRO E 2 -10.87 -0.96 -20.13
C PRO E 2 -10.11 -1.87 -19.11
N PRO E 3 -10.02 -3.17 -19.55
CA PRO E 3 -9.83 -4.43 -18.71
C PRO E 3 -9.11 -4.73 -17.44
N ARG E 4 -9.39 -6.01 -17.18
CA ARG E 4 -9.04 -6.89 -16.09
C ARG E 4 -8.70 -8.27 -16.64
N PRO E 5 -7.74 -8.91 -15.98
CA PRO E 5 -7.37 -10.31 -16.39
C PRO E 5 -8.52 -11.33 -16.53
N LEU E 6 -9.35 -11.38 -15.50
CA LEU E 6 -10.49 -12.31 -15.48
C LEU E 6 -11.53 -12.02 -16.55
N ASP E 7 -11.63 -10.74 -16.93
CA ASP E 7 -12.56 -10.28 -17.96
C ASP E 7 -12.21 -10.88 -19.32
N VAL E 8 -10.95 -10.70 -19.73
CA VAL E 8 -10.47 -11.23 -21.01
C VAL E 8 -10.68 -12.73 -21.08
N LEU E 9 -10.63 -13.38 -19.92
CA LEU E 9 -10.81 -14.81 -19.85
C LEU E 9 -12.26 -15.11 -20.18
N ASN E 10 -13.16 -14.29 -19.63
CA ASN E 10 -14.59 -14.44 -19.88
C ASN E 10 -14.86 -14.16 -21.34
N ARG E 11 -14.20 -13.14 -21.87
CA ARG E 11 -14.33 -12.71 -23.26
C ARG E 11 -13.80 -13.75 -24.22
N SER E 12 -13.69 -15.00 -23.77
CA SER E 12 -13.20 -16.07 -24.62
C SER E 12 -13.98 -17.35 -24.39
N LEU E 13 -15.00 -17.30 -23.54
CA LEU E 13 -15.79 -18.48 -23.28
C LEU E 13 -16.35 -19.00 -24.60
N LYS E 14 -16.25 -20.30 -24.80
CA LYS E 14 -16.76 -20.96 -26.01
C LYS E 14 -15.82 -20.82 -27.21
N SER E 15 -14.68 -20.15 -27.00
CA SER E 15 -13.70 -19.97 -28.06
C SER E 15 -12.45 -20.82 -27.83
N PRO E 16 -11.72 -21.17 -28.90
CA PRO E 16 -10.50 -21.98 -28.79
C PRO E 16 -9.38 -21.21 -28.12
N VAL E 17 -8.64 -21.90 -27.26
CA VAL E 17 -7.53 -21.28 -26.53
C VAL E 17 -6.32 -22.18 -26.40
N ILE E 18 -5.19 -21.55 -26.11
CA ILE E 18 -3.96 -22.29 -25.91
C ILE E 18 -3.55 -22.11 -24.45
N VAL E 19 -3.39 -23.22 -23.74
CA VAL E 19 -3.01 -23.18 -22.32
C VAL E 19 -1.61 -23.73 -22.06
N ARG E 20 -0.74 -22.89 -21.51
CA ARG E 20 0.63 -23.29 -21.20
C ARG E 20 0.83 -23.75 -19.72
N LEU E 21 0.97 -25.04 -19.51
CA LEU E 21 1.19 -25.58 -18.16
C LEU E 21 2.64 -25.42 -17.72
N LYS E 22 2.90 -25.48 -16.42
CA LYS E 22 4.26 -25.39 -15.90
C LYS E 22 4.91 -26.71 -16.24
N GLY E 23 6.17 -26.65 -16.64
CA GLY E 23 6.90 -27.85 -17.03
C GLY E 23 7.21 -27.76 -18.51
N GLY E 24 6.18 -27.78 -19.34
CA GLY E 24 6.38 -27.68 -20.78
C GLY E 24 5.15 -27.95 -21.63
N ARG E 25 4.36 -28.94 -21.24
CA ARG E 25 3.16 -29.31 -21.97
C ARG E 25 2.20 -28.16 -22.22
N GLU E 26 1.19 -28.40 -23.05
CA GLU E 26 0.20 -27.40 -23.42
C GLU E 26 -1.14 -28.03 -23.69
N PHE E 27 -2.18 -27.23 -23.66
CA PHE E 27 -3.51 -27.73 -23.96
C PHE E 27 -4.16 -26.82 -24.99
N ARG E 28 -4.90 -27.43 -25.90
CA ARG E 28 -5.62 -26.69 -26.93
C ARG E 28 -7.06 -27.21 -26.91
N GLY E 29 -7.99 -26.33 -26.59
CA GLY E 29 -9.38 -26.74 -26.54
C GLY E 29 -10.32 -25.57 -26.44
N THR E 30 -11.62 -25.85 -26.27
CA THR E 30 -12.63 -24.81 -26.16
C THR E 30 -12.83 -24.42 -24.70
N LEU E 31 -12.54 -23.16 -24.38
CA LEU E 31 -12.67 -22.66 -23.01
C LEU E 31 -14.11 -22.76 -22.56
N ASP E 32 -14.40 -23.70 -21.67
CA ASP E 32 -15.77 -23.90 -21.18
C ASP E 32 -16.08 -23.07 -19.95
N GLY E 33 -15.09 -22.89 -19.08
CA GLY E 33 -15.32 -22.11 -17.88
C GLY E 33 -14.05 -21.88 -17.09
N TYR E 34 -14.19 -21.16 -15.99
CA TYR E 34 -13.06 -20.87 -15.14
C TYR E 34 -13.58 -20.43 -13.77
N ASP E 35 -12.72 -19.79 -12.99
CA ASP E 35 -13.11 -19.29 -11.68
C ASP E 35 -12.05 -18.40 -11.05
N ILE E 36 -12.30 -18.04 -9.79
CA ILE E 36 -11.39 -17.17 -9.04
C ILE E 36 -9.96 -17.67 -9.02
N HIS E 37 -9.79 -18.91 -8.59
CA HIS E 37 -8.47 -19.56 -8.50
C HIS E 37 -7.80 -19.52 -9.87
N MET E 38 -8.64 -19.54 -10.90
CA MET E 38 -8.23 -19.52 -12.31
C MET E 38 -8.17 -20.94 -12.82
N ASN E 39 -8.95 -21.82 -12.18
CA ASN E 39 -9.03 -23.20 -12.62
C ASN E 39 -9.71 -23.08 -13.98
N LEU E 40 -9.47 -24.04 -14.88
CA LEU E 40 -10.07 -23.99 -16.20
C LEU E 40 -10.76 -25.28 -16.57
N VAL E 41 -11.75 -25.18 -17.47
CA VAL E 41 -12.45 -26.35 -17.97
C VAL E 41 -12.27 -26.20 -19.46
N LEU E 42 -11.94 -27.30 -20.13
CA LEU E 42 -11.77 -27.26 -21.57
C LEU E 42 -12.52 -28.43 -22.17
N LEU E 43 -13.04 -28.23 -23.38
CA LEU E 43 -13.76 -29.28 -24.09
C LEU E 43 -12.99 -29.67 -25.36
N ASP E 44 -13.19 -30.88 -25.83
CA ASP E 44 -12.51 -31.39 -27.03
C ASP E 44 -11.11 -30.79 -27.14
N ALA E 45 -10.22 -31.16 -26.22
CA ALA E 45 -8.86 -30.63 -26.21
C ALA E 45 -7.77 -31.67 -26.35
N GLU E 46 -6.57 -31.21 -26.67
CA GLU E 46 -5.41 -32.08 -26.86
C GLU E 46 -4.23 -31.66 -25.97
N GLU E 47 -3.47 -32.65 -25.50
CA GLU E 47 -2.27 -32.37 -24.71
C GLU E 47 -1.15 -32.33 -25.75
N ILE E 48 -0.21 -31.42 -25.59
CA ILE E 48 0.86 -31.29 -26.58
C ILE E 48 2.21 -31.07 -25.94
N GLN E 49 3.17 -31.96 -26.22
CA GLN E 49 4.51 -31.82 -25.68
C GLN E 49 5.51 -31.56 -26.80
N ASN E 50 6.11 -30.38 -26.81
CA ASN E 50 7.07 -30.00 -27.83
C ASN E 50 6.59 -30.31 -29.25
N GLY E 51 5.33 -30.02 -29.53
CA GLY E 51 4.82 -30.25 -30.87
C GLY E 51 3.93 -31.44 -31.14
N GLU E 52 4.13 -32.56 -30.46
CA GLU E 52 3.29 -33.72 -30.73
C GLU E 52 2.05 -33.83 -29.85
N VAL E 53 0.96 -34.35 -30.44
CA VAL E 53 -0.28 -34.54 -29.69
C VAL E 53 -0.12 -35.79 -28.85
N VAL E 54 -0.13 -35.62 -27.52
CA VAL E 54 0.05 -36.74 -26.59
C VAL E 54 -1.23 -37.44 -26.17
N ARG E 55 -2.36 -36.77 -26.31
CA ARG E 55 -3.64 -37.39 -25.97
C ARG E 55 -4.81 -36.45 -26.14
N LYS E 56 -5.95 -37.02 -26.54
CA LYS E 56 -7.17 -36.25 -26.76
C LYS E 56 -8.16 -36.61 -25.67
N VAL E 57 -8.89 -35.62 -25.19
CA VAL E 57 -9.88 -35.85 -24.13
C VAL E 57 -11.19 -35.15 -24.37
N GLY E 58 -12.27 -35.75 -23.90
CA GLY E 58 -13.57 -35.14 -24.04
C GLY E 58 -13.47 -33.76 -23.43
N SER E 59 -13.05 -33.71 -22.17
CA SER E 59 -12.88 -32.44 -21.47
C SER E 59 -11.87 -32.57 -20.34
N VAL E 60 -11.41 -31.45 -19.82
CA VAL E 60 -10.44 -31.45 -18.74
C VAL E 60 -10.63 -30.32 -17.77
N VAL E 61 -10.23 -30.57 -16.53
CA VAL E 61 -10.30 -29.55 -15.49
C VAL E 61 -8.86 -29.35 -15.03
N ILE E 62 -8.36 -28.14 -15.26
CA ILE E 62 -6.99 -27.75 -14.95
C ILE E 62 -6.86 -26.87 -13.71
N ARG E 63 -6.10 -27.34 -12.72
CA ARG E 63 -5.87 -26.58 -11.49
C ARG E 63 -5.21 -25.26 -11.82
N GLY E 64 -5.74 -24.18 -11.28
CA GLY E 64 -5.16 -22.90 -11.55
C GLY E 64 -3.65 -22.96 -11.38
N ASP E 65 -3.20 -23.42 -10.21
CA ASP E 65 -1.77 -23.52 -9.86
C ASP E 65 -0.82 -23.91 -10.97
N THR E 66 -1.24 -24.86 -11.80
CA THR E 66 -0.44 -25.35 -12.91
C THR E 66 -0.23 -24.38 -14.09
N VAL E 67 -1.18 -23.48 -14.29
CA VAL E 67 -1.14 -22.54 -15.41
C VAL E 67 -0.09 -21.43 -15.44
N VAL E 68 0.48 -21.19 -16.62
CA VAL E 68 1.47 -20.13 -16.82
C VAL E 68 0.77 -19.01 -17.60
N PHE E 69 0.17 -19.36 -18.73
CA PHE E 69 -0.58 -18.39 -19.50
C PHE E 69 -1.63 -19.02 -20.40
N VAL E 70 -2.64 -18.22 -20.71
CA VAL E 70 -3.74 -18.62 -21.55
C VAL E 70 -3.87 -17.57 -22.62
N SER E 71 -4.01 -18.02 -23.86
CA SER E 71 -4.17 -17.08 -24.98
C SER E 71 -5.13 -17.63 -26.04
N PRO E 72 -5.94 -16.74 -26.63
CA PRO E 72 -6.88 -17.17 -27.66
C PRO E 72 -6.10 -17.56 -28.91
N ALA E 73 -6.38 -18.75 -29.44
CA ALA E 73 -5.69 -19.23 -30.63
C ALA E 73 -6.54 -19.01 -31.88
N PRO E 74 -6.21 -17.97 -32.67
CA PRO E 74 -6.93 -17.62 -33.90
C PRO E 74 -6.67 -18.56 -35.09
N PRO F 2 4.65 6.62 0.10
CA PRO F 2 5.65 6.68 -0.99
C PRO F 2 5.34 5.68 -2.09
N PRO F 3 5.59 6.05 -3.35
CA PRO F 3 5.34 5.22 -4.55
C PRO F 3 5.32 3.72 -4.28
N ARG F 4 4.29 3.02 -4.79
CA ARG F 4 4.20 1.57 -4.57
C ARG F 4 4.17 0.75 -5.86
N PRO F 5 4.55 -0.54 -5.76
CA PRO F 5 4.59 -1.45 -6.90
C PRO F 5 3.39 -1.42 -7.82
N LEU F 6 2.22 -1.80 -7.30
CA LEU F 6 1.02 -1.80 -8.13
C LEU F 6 0.82 -0.46 -8.81
N ASP F 7 1.11 0.61 -8.09
CA ASP F 7 0.98 1.96 -8.63
C ASP F 7 1.76 2.08 -9.93
N VAL F 8 3.04 1.72 -9.89
CA VAL F 8 3.89 1.82 -11.07
C VAL F 8 3.36 0.98 -12.21
N LEU F 9 2.74 -0.15 -11.89
CA LEU F 9 2.19 -0.96 -12.94
C LEU F 9 1.18 -0.10 -13.63
N ASN F 10 0.26 0.45 -12.84
CA ASN F 10 -0.82 1.30 -13.34
C ASN F 10 -0.31 2.43 -14.24
N ARG F 11 0.71 3.13 -13.77
CA ARG F 11 1.27 4.24 -14.52
C ARG F 11 1.82 3.77 -15.84
N SER F 12 1.65 2.48 -16.14
CA SER F 12 2.18 1.94 -17.37
C SER F 12 1.13 1.26 -18.26
N LEU F 13 -0.14 1.45 -17.93
CA LEU F 13 -1.21 0.85 -18.73
C LEU F 13 -1.19 1.51 -20.13
N LYS F 14 -1.41 0.69 -21.16
CA LYS F 14 -1.43 1.14 -22.55
C LYS F 14 -0.05 1.26 -23.20
N SER F 15 1.00 1.38 -22.38
CA SER F 15 2.35 1.48 -22.91
C SER F 15 2.98 0.09 -23.06
N PRO F 16 4.12 0.01 -23.74
CA PRO F 16 4.81 -1.27 -23.94
C PRO F 16 5.68 -1.70 -22.75
N VAL F 17 5.62 -3.00 -22.43
CA VAL F 17 6.38 -3.57 -21.31
C VAL F 17 6.99 -4.93 -21.62
N ILE F 18 8.01 -5.27 -20.86
CA ILE F 18 8.67 -6.57 -20.98
C ILE F 18 8.42 -7.32 -19.67
N VAL F 19 7.88 -8.53 -19.78
CA VAL F 19 7.58 -9.36 -18.62
C VAL F 19 8.52 -10.56 -18.53
N ARG F 20 9.30 -10.64 -17.44
CA ARG F 20 10.19 -11.78 -17.28
C ARG F 20 9.42 -12.89 -16.61
N LEU F 21 9.81 -14.12 -16.83
CA LEU F 21 9.12 -15.23 -16.20
C LEU F 21 10.11 -16.24 -15.65
N LYS F 22 9.63 -17.11 -14.77
CA LYS F 22 10.48 -18.14 -14.20
C LYS F 22 10.79 -19.09 -15.34
N GLY F 23 12.02 -19.60 -15.36
CA GLY F 23 12.43 -20.49 -16.42
C GLY F 23 13.31 -19.70 -17.38
N GLY F 24 12.78 -18.60 -17.89
CA GLY F 24 13.56 -17.77 -18.80
C GLY F 24 12.79 -17.17 -19.96
N ARG F 25 11.62 -17.72 -20.29
CA ARG F 25 10.83 -17.18 -21.41
C ARG F 25 10.36 -15.76 -21.10
N GLU F 26 10.56 -14.85 -22.04
CA GLU F 26 10.13 -13.47 -21.85
C GLU F 26 8.89 -13.14 -22.67
N PHE F 27 8.39 -11.93 -22.50
CA PHE F 27 7.23 -11.47 -23.23
C PHE F 27 7.39 -9.98 -23.43
N ARG F 28 6.97 -9.51 -24.60
CA ARG F 28 7.00 -8.09 -24.91
C ARG F 28 5.64 -7.78 -25.51
N GLY F 29 5.00 -6.73 -24.99
CA GLY F 29 3.69 -6.33 -25.47
C GLY F 29 3.16 -5.10 -24.75
N THR F 30 1.87 -4.83 -24.94
CA THR F 30 1.24 -3.67 -24.32
C THR F 30 0.46 -4.14 -23.10
N LEU F 31 0.77 -3.56 -21.94
CA LEU F 31 0.10 -3.91 -20.70
C LEU F 31 -1.33 -3.42 -20.76
N ASP F 32 -2.25 -4.36 -20.91
CA ASP F 32 -3.66 -4.03 -21.01
C ASP F 32 -4.33 -3.95 -19.64
N GLY F 33 -4.05 -4.91 -18.77
CA GLY F 33 -4.67 -4.89 -17.46
C GLY F 33 -3.83 -5.61 -16.43
N TYR F 34 -4.40 -5.76 -15.23
CA TYR F 34 -3.73 -6.41 -14.13
C TYR F 34 -4.64 -6.42 -12.93
N ASP F 35 -4.47 -7.40 -12.05
CA ASP F 35 -5.27 -7.49 -10.84
C ASP F 35 -4.36 -7.43 -9.63
N ILE F 36 -4.89 -7.55 -8.42
CA ILE F 36 -4.06 -7.47 -7.23
C ILE F 36 -3.07 -8.62 -7.01
N HIS F 37 -3.36 -9.80 -7.58
CA HIS F 37 -2.45 -10.93 -7.44
C HIS F 37 -1.36 -10.88 -8.50
N MET F 38 -1.30 -9.75 -9.18
CA MET F 38 -0.31 -9.46 -10.22
C MET F 38 -0.46 -10.21 -11.54
N ASN F 39 -1.62 -10.81 -11.76
CA ASN F 39 -1.86 -11.47 -13.03
C ASN F 39 -1.70 -10.31 -14.02
N LEU F 40 -1.39 -10.63 -15.28
CA LEU F 40 -1.23 -9.58 -16.26
C LEU F 40 -1.99 -9.91 -17.53
N VAL F 41 -2.26 -8.87 -18.30
CA VAL F 41 -2.94 -9.01 -19.58
C VAL F 41 -2.13 -8.21 -20.59
N LEU F 42 -1.62 -8.89 -21.61
CA LEU F 42 -0.81 -8.22 -22.62
C LEU F 42 -1.46 -8.34 -24.00
N LEU F 43 -1.37 -7.26 -24.78
CA LEU F 43 -1.91 -7.24 -26.14
C LEU F 43 -0.78 -7.20 -27.17
N ASP F 44 -0.97 -7.94 -28.26
CA ASP F 44 0.01 -8.01 -29.33
C ASP F 44 1.40 -8.24 -28.76
N ALA F 45 1.59 -9.42 -28.16
CA ALA F 45 2.87 -9.73 -27.54
C ALA F 45 3.64 -10.86 -28.21
N GLU F 46 4.91 -10.96 -27.86
CA GLU F 46 5.78 -11.98 -28.40
C GLU F 46 6.44 -12.77 -27.28
N GLU F 47 6.52 -14.09 -27.44
CA GLU F 47 7.20 -14.92 -26.45
C GLU F 47 8.65 -14.91 -26.93
N ILE F 48 9.59 -14.62 -26.04
CA ILE F 48 11.00 -14.54 -26.40
C ILE F 48 11.89 -15.61 -25.72
N GLN F 49 12.57 -16.39 -26.56
CA GLN F 49 13.46 -17.46 -26.11
C GLN F 49 14.91 -16.95 -26.17
N ASN F 50 15.41 -16.49 -25.03
CA ASN F 50 16.79 -15.96 -24.94
C ASN F 50 17.30 -15.39 -26.27
N GLY F 51 16.61 -14.38 -26.79
CA GLY F 51 17.02 -13.78 -28.04
C GLY F 51 15.97 -13.68 -29.12
N GLU F 52 15.69 -14.81 -29.78
CA GLU F 52 14.70 -14.85 -30.86
C GLU F 52 13.23 -14.90 -30.41
N VAL F 53 12.33 -14.76 -31.37
CA VAL F 53 10.89 -14.77 -31.11
C VAL F 53 10.29 -16.16 -31.33
N VAL F 54 9.61 -16.68 -30.32
CA VAL F 54 8.99 -18.00 -30.45
C VAL F 54 7.56 -17.93 -30.99
N ARG F 55 6.77 -17.01 -30.48
CA ARG F 55 5.39 -16.89 -30.93
C ARG F 55 4.85 -15.48 -30.75
N LYS F 56 3.85 -15.14 -31.55
CA LYS F 56 3.20 -13.82 -31.48
C LYS F 56 1.75 -14.08 -31.14
N VAL F 57 1.20 -13.31 -30.20
CA VAL F 57 -0.20 -13.48 -29.82
C VAL F 57 -0.97 -12.16 -29.78
N GLY F 58 -2.24 -12.22 -30.17
CA GLY F 58 -3.06 -11.04 -30.15
C GLY F 58 -3.11 -10.52 -28.72
N SER F 59 -3.29 -11.44 -27.79
CA SER F 59 -3.35 -11.11 -26.38
C SER F 59 -2.96 -12.31 -25.53
N VAL F 60 -2.62 -12.05 -24.27
CA VAL F 60 -2.21 -13.12 -23.36
C VAL F 60 -2.50 -12.82 -21.90
N VAL F 61 -2.98 -13.83 -21.19
CA VAL F 61 -3.30 -13.71 -19.76
C VAL F 61 -2.25 -14.50 -18.98
N ILE F 62 -1.34 -13.75 -18.37
CA ILE F 62 -0.24 -14.31 -17.59
C ILE F 62 -0.54 -14.45 -16.09
N ARG F 63 -0.28 -15.64 -15.53
CA ARG F 63 -0.47 -15.91 -14.10
C ARG F 63 0.57 -15.10 -13.31
N GLY F 64 0.12 -14.38 -12.29
CA GLY F 64 1.04 -13.56 -11.49
C GLY F 64 2.12 -14.41 -10.85
N ASP F 65 1.68 -15.56 -10.34
CA ASP F 65 2.55 -16.52 -9.68
C ASP F 65 3.77 -16.89 -10.53
N THR F 66 3.72 -16.56 -11.82
CA THR F 66 4.80 -16.88 -12.77
C THR F 66 5.81 -15.76 -13.04
N VAL F 67 5.40 -14.52 -12.82
CA VAL F 67 6.26 -13.37 -13.10
C VAL F 67 7.41 -13.16 -12.12
N VAL F 68 8.54 -12.68 -12.65
CA VAL F 68 9.72 -12.39 -11.86
C VAL F 68 9.83 -10.87 -11.82
N PHE F 69 9.47 -10.23 -12.92
CA PHE F 69 9.51 -8.78 -12.97
C PHE F 69 8.88 -8.17 -14.23
N VAL F 70 8.60 -6.88 -14.14
CA VAL F 70 7.99 -6.15 -15.25
C VAL F 70 8.73 -4.85 -15.42
N SER F 71 9.10 -4.54 -16.66
CA SER F 71 9.84 -3.33 -16.93
C SER F 71 9.36 -2.56 -18.15
N PRO F 72 9.19 -1.24 -18.01
CA PRO F 72 8.75 -0.42 -19.14
C PRO F 72 9.80 -0.59 -20.23
N ALA F 73 9.37 -0.85 -21.46
CA ALA F 73 10.31 -1.05 -22.56
C ALA F 73 10.99 0.23 -23.13
N PRO F 74 10.92 0.50 -24.46
CA PRO F 74 11.61 1.72 -24.94
C PRO F 74 12.00 2.78 -23.91
N PRO G 3 12.99 -3.44 15.64
CA PRO G 3 11.93 -2.82 14.82
C PRO G 3 11.15 -3.86 13.99
N ARG G 4 10.92 -3.52 12.73
CA ARG G 4 10.21 -4.36 11.78
C ARG G 4 11.10 -4.36 10.55
N PRO G 5 11.28 -5.51 9.89
CA PRO G 5 12.13 -5.51 8.70
C PRO G 5 11.69 -4.47 7.68
N LEU G 6 10.38 -4.29 7.52
CA LEU G 6 9.84 -3.31 6.56
C LEU G 6 10.29 -1.89 6.90
N ASP G 7 10.61 -1.64 8.17
CA ASP G 7 11.08 -0.32 8.61
C ASP G 7 12.44 0.00 8.00
N VAL G 8 13.37 -0.96 8.05
CA VAL G 8 14.72 -0.76 7.49
C VAL G 8 14.63 -0.54 5.99
N LEU G 9 13.66 -1.21 5.37
CA LEU G 9 13.42 -1.12 3.95
C LEU G 9 13.11 0.31 3.60
N ASN G 10 12.17 0.88 4.35
CA ASN G 10 11.75 2.24 4.18
C ASN G 10 12.91 3.20 4.41
N ARG G 11 13.78 2.87 5.35
CA ARG G 11 14.92 3.71 5.67
C ARG G 11 15.89 3.75 4.48
N SER G 12 15.64 2.91 3.48
CA SER G 12 16.52 2.86 2.33
C SER G 12 15.93 3.50 1.07
N LEU G 13 14.77 4.14 1.20
CA LEU G 13 14.15 4.77 0.05
C LEU G 13 15.02 5.86 -0.54
N LYS G 14 15.24 5.79 -1.85
CA LYS G 14 16.03 6.75 -2.61
C LYS G 14 17.53 6.51 -2.52
N SER G 15 17.92 5.45 -1.83
CA SER G 15 19.33 5.11 -1.69
C SER G 15 19.58 3.84 -2.50
N PRO G 16 20.84 3.63 -2.93
CA PRO G 16 21.17 2.43 -3.72
C PRO G 16 21.04 1.13 -2.94
N VAL G 17 20.73 0.04 -3.64
CA VAL G 17 20.60 -1.26 -2.97
C VAL G 17 20.95 -2.43 -3.87
N ILE G 18 21.07 -3.61 -3.26
CA ILE G 18 21.37 -4.84 -3.97
C ILE G 18 20.28 -5.84 -3.63
N VAL G 19 19.58 -6.33 -4.64
CA VAL G 19 18.51 -7.28 -4.41
C VAL G 19 18.99 -8.59 -4.99
N ARG G 20 18.77 -9.67 -4.24
CA ARG G 20 19.17 -11.02 -4.64
C ARG G 20 17.91 -11.82 -4.98
N LEU G 21 17.96 -12.65 -6.02
CA LEU G 21 16.79 -13.43 -6.45
C LEU G 21 17.00 -14.93 -6.44
N LYS G 22 15.93 -15.70 -6.40
CA LYS G 22 16.09 -17.14 -6.43
C LYS G 22 16.83 -17.46 -7.73
N GLY G 23 17.39 -18.66 -7.86
CA GLY G 23 18.09 -19.00 -9.10
C GLY G 23 19.44 -18.34 -9.38
N GLY G 24 19.81 -17.29 -8.67
CA GLY G 24 21.11 -16.69 -8.92
C GLY G 24 21.24 -15.21 -9.24
N ARG G 25 20.32 -14.65 -10.00
CA ARG G 25 20.42 -13.23 -10.39
C ARG G 25 20.30 -12.14 -9.33
N GLU G 26 20.92 -11.00 -9.65
CA GLU G 26 20.94 -9.83 -8.77
C GLU G 26 20.51 -8.56 -9.49
N PHE G 27 20.08 -7.55 -8.73
CA PHE G 27 19.69 -6.28 -9.30
C PHE G 27 20.31 -5.17 -8.51
N ARG G 28 20.82 -4.15 -9.19
CA ARG G 28 21.41 -3.05 -8.47
C ARG G 28 20.78 -1.72 -8.87
N GLY G 29 20.42 -0.91 -7.87
CA GLY G 29 19.83 0.37 -8.18
C GLY G 29 19.15 1.07 -7.01
N THR G 30 18.43 2.14 -7.33
CA THR G 30 17.71 2.95 -6.35
C THR G 30 16.34 2.38 -5.98
N LEU G 31 16.13 2.13 -4.68
CA LEU G 31 14.86 1.62 -4.18
C LEU G 31 13.85 2.74 -4.15
N ASP G 32 12.77 2.59 -4.91
CA ASP G 32 11.74 3.62 -4.98
C ASP G 32 10.57 3.36 -4.04
N GLY G 33 10.01 2.15 -4.12
CA GLY G 33 8.89 1.77 -3.27
C GLY G 33 8.91 0.29 -2.94
N TYR G 34 7.96 -0.14 -2.11
CA TYR G 34 7.87 -1.55 -1.70
C TYR G 34 6.54 -1.76 -1.01
N ASP G 35 6.23 -3.01 -0.66
CA ASP G 35 5.00 -3.29 0.07
C ASP G 35 5.01 -4.61 0.86
N ILE G 36 3.94 -4.87 1.59
CA ILE G 36 3.84 -6.06 2.43
C ILE G 36 4.13 -7.40 1.79
N HIS G 37 4.27 -7.45 0.48
CA HIS G 37 4.58 -8.72 -0.20
C HIS G 37 6.07 -8.69 -0.45
N MET G 38 6.61 -7.51 -0.21
CA MET G 38 8.01 -7.22 -0.43
C MET G 38 8.27 -7.07 -1.92
N ASN G 39 7.21 -6.70 -2.65
CA ASN G 39 7.35 -6.44 -4.07
C ASN G 39 8.22 -5.18 -4.02
N LEU G 40 9.18 -5.04 -4.92
CA LEU G 40 10.03 -3.87 -4.89
C LEU G 40 9.95 -3.10 -6.21
N VAL G 41 10.32 -1.83 -6.17
CA VAL G 41 10.34 -1.02 -7.37
C VAL G 41 11.73 -0.38 -7.42
N LEU G 42 12.48 -0.63 -8.49
CA LEU G 42 13.82 -0.04 -8.61
C LEU G 42 13.93 0.94 -9.80
N LEU G 43 14.77 1.96 -9.64
CA LEU G 43 15.00 2.94 -10.70
C LEU G 43 16.46 2.88 -11.12
N ASP G 44 16.70 2.98 -12.43
CA ASP G 44 18.05 2.93 -12.98
C ASP G 44 18.76 1.71 -12.43
N ALA G 45 18.36 0.54 -12.93
CA ALA G 45 18.93 -0.70 -12.45
C ALA G 45 19.58 -1.59 -13.49
N GLU G 46 20.50 -2.43 -13.00
CA GLU G 46 21.25 -3.36 -13.81
C GLU G 46 21.01 -4.78 -13.32
N GLU G 47 20.70 -5.69 -14.23
CA GLU G 47 20.48 -7.09 -13.87
C GLU G 47 21.87 -7.71 -13.87
N ILE G 48 22.22 -8.44 -12.80
CA ILE G 48 23.56 -9.03 -12.73
C ILE G 48 23.63 -10.53 -12.55
N GLN G 49 24.43 -11.17 -13.40
CA GLN G 49 24.63 -12.62 -13.35
C GLN G 49 26.13 -12.94 -13.27
N ASN G 50 26.52 -13.62 -12.20
CA ASN G 50 27.91 -13.98 -11.97
C ASN G 50 28.87 -12.85 -12.35
N GLY G 51 28.75 -11.74 -11.64
CA GLY G 51 29.62 -10.61 -11.88
C GLY G 51 29.36 -9.74 -13.09
N GLU G 52 28.90 -10.34 -14.19
CA GLU G 52 28.64 -9.59 -15.42
C GLU G 52 27.22 -9.03 -15.52
N VAL G 53 27.10 -7.84 -16.09
CA VAL G 53 25.79 -7.22 -16.28
C VAL G 53 25.13 -7.93 -17.46
N VAL G 54 23.81 -8.07 -17.42
CA VAL G 54 23.11 -8.75 -18.52
C VAL G 54 22.00 -7.85 -19.11
N ARG G 55 22.00 -6.58 -18.70
CA ARG G 55 21.03 -5.59 -19.18
C ARG G 55 20.75 -4.48 -18.16
N LYS G 56 20.48 -3.27 -18.66
CA LYS G 56 20.15 -2.12 -17.82
C LYS G 56 18.68 -1.81 -18.07
N VAL G 57 18.01 -1.21 -17.09
CA VAL G 57 16.60 -0.87 -17.24
C VAL G 57 16.23 0.42 -16.50
N GLY G 58 15.38 1.23 -17.12
CA GLY G 58 14.95 2.48 -16.53
C GLY G 58 14.25 2.32 -15.19
N SER G 59 13.66 1.15 -14.98
CA SER G 59 12.97 0.83 -13.73
C SER G 59 12.38 -0.57 -13.79
N VAL G 60 12.16 -1.17 -12.64
CA VAL G 60 11.58 -2.53 -12.59
C VAL G 60 10.67 -2.69 -11.40
N VAL G 61 9.76 -3.63 -11.51
CA VAL G 61 8.84 -3.98 -10.44
C VAL G 61 9.07 -5.49 -10.28
N ILE G 62 9.67 -5.87 -9.16
CA ILE G 62 10.01 -7.25 -8.83
C ILE G 62 9.00 -7.92 -7.92
N ARG G 63 8.62 -9.15 -8.21
CA ARG G 63 7.67 -9.84 -7.33
C ARG G 63 8.33 -10.28 -6.01
N GLY G 64 7.80 -9.84 -4.88
CA GLY G 64 8.36 -10.20 -3.60
C GLY G 64 8.67 -11.69 -3.54
N ASP G 65 7.79 -12.50 -4.10
CA ASP G 65 7.93 -13.94 -4.13
C ASP G 65 9.20 -14.43 -4.85
N THR G 66 10.03 -13.50 -5.27
CA THR G 66 11.25 -13.83 -6.01
C THR G 66 12.50 -13.36 -5.24
N VAL G 67 12.27 -12.57 -4.20
CA VAL G 67 13.38 -12.03 -3.42
C VAL G 67 13.93 -12.93 -2.32
N VAL G 68 15.24 -12.95 -2.17
CA VAL G 68 15.89 -13.72 -1.12
C VAL G 68 16.29 -12.72 -0.03
N PHE G 69 16.99 -11.65 -0.41
CA PHE G 69 17.37 -10.63 0.55
C PHE G 69 17.67 -9.30 -0.15
N VAL G 70 17.67 -8.21 0.62
CA VAL G 70 17.93 -6.88 0.10
C VAL G 70 18.94 -6.17 0.97
N SER G 71 19.91 -5.49 0.38
CA SER G 71 20.88 -4.81 1.21
C SER G 71 21.35 -3.49 0.62
N PRO G 72 21.72 -2.53 1.49
CA PRO G 72 22.21 -1.20 1.10
C PRO G 72 23.65 -1.34 0.60
N ALA G 73 24.07 -0.43 -0.26
CA ALA G 73 25.43 -0.50 -0.79
C ALA G 73 26.28 0.68 -0.31
N PRO H 3 8.05 -21.91 25.87
CA PRO H 3 8.68 -20.89 24.99
C PRO H 3 8.11 -21.00 23.57
N ARG H 4 7.84 -19.86 22.94
CA ARG H 4 7.29 -19.90 21.60
C ARG H 4 8.39 -19.64 20.57
N PRO H 5 8.32 -20.31 19.41
CA PRO H 5 9.35 -20.07 18.42
C PRO H 5 9.63 -18.58 18.27
N LEU H 6 8.58 -17.80 18.05
CA LEU H 6 8.77 -16.35 17.91
C LEU H 6 9.34 -15.75 19.19
N ASP H 7 9.04 -16.37 20.34
CA ASP H 7 9.53 -15.90 21.62
C ASP H 7 11.03 -16.05 21.75
N VAL H 8 11.55 -17.22 21.39
CA VAL H 8 12.98 -17.48 21.47
C VAL H 8 13.79 -16.55 20.59
N LEU H 9 13.19 -16.14 19.48
CA LEU H 9 13.85 -15.23 18.53
C LEU H 9 14.03 -13.87 19.24
N ASN H 10 12.96 -13.38 19.85
CA ASN H 10 12.98 -12.12 20.55
C ASN H 10 14.04 -12.14 21.64
N ARG H 11 14.15 -13.26 22.33
CA ARG H 11 15.13 -13.42 23.38
C ARG H 11 16.56 -13.32 22.83
N SER H 12 16.67 -13.00 21.54
CA SER H 12 17.97 -12.89 20.89
C SER H 12 18.19 -11.56 20.17
N LEU H 13 17.22 -10.64 20.31
CA LEU H 13 17.37 -9.34 19.66
C LEU H 13 18.62 -8.64 20.18
N LYS H 14 19.54 -8.32 19.27
CA LYS H 14 20.80 -7.62 19.57
C LYS H 14 22.00 -8.54 19.73
N SER H 15 21.77 -9.83 19.91
CA SER H 15 22.86 -10.79 20.06
C SER H 15 23.16 -11.41 18.70
N PRO H 16 24.40 -11.89 18.49
CA PRO H 16 24.76 -12.51 17.20
C PRO H 16 24.00 -13.79 16.89
N VAL H 17 23.82 -14.06 15.61
CA VAL H 17 23.10 -15.26 15.15
C VAL H 17 23.56 -15.76 13.76
N ILE H 18 23.18 -17.00 13.49
CA ILE H 18 23.49 -17.64 12.23
C ILE H 18 22.16 -18.00 11.57
N VAL H 19 22.00 -17.59 10.32
CA VAL H 19 20.79 -17.89 9.59
C VAL H 19 21.14 -18.78 8.41
N ARG H 20 20.35 -19.82 8.17
CA ARG H 20 20.62 -20.69 7.02
C ARG H 20 19.43 -20.67 6.07
N LEU H 21 19.72 -20.23 4.84
CA LEU H 21 18.72 -20.11 3.77
C LEU H 21 18.66 -21.37 2.96
N LYS H 22 17.57 -21.56 2.22
CA LYS H 22 17.44 -22.73 1.37
C LYS H 22 18.62 -22.74 0.37
N GLY H 23 19.22 -23.90 0.16
CA GLY H 23 20.32 -24.01 -0.78
C GLY H 23 21.74 -23.81 -0.27
N GLY H 24 21.91 -23.51 1.01
CA GLY H 24 23.25 -23.33 1.53
C GLY H 24 23.55 -21.99 2.18
N ARG H 25 23.61 -20.92 1.40
CA ARG H 25 23.88 -19.59 1.93
C ARG H 25 23.59 -19.41 3.43
N GLU H 26 24.65 -19.19 4.21
CA GLU H 26 24.54 -18.97 5.66
C GLU H 26 24.98 -17.55 5.95
N PHE H 27 24.36 -16.90 6.93
CA PHE H 27 24.73 -15.53 7.30
C PHE H 27 25.09 -15.50 8.79
N ARG H 28 25.90 -14.53 9.18
CA ARG H 28 26.28 -14.42 10.56
C ARG H 28 26.28 -12.96 10.92
N GLY H 29 25.39 -12.58 11.83
CA GLY H 29 25.33 -11.18 12.23
C GLY H 29 24.43 -10.96 13.43
N THR H 30 24.21 -9.69 13.76
CA THR H 30 23.37 -9.31 14.89
C THR H 30 21.91 -9.26 14.48
N LEU H 31 21.05 -9.96 15.20
CA LEU H 31 19.63 -9.96 14.86
C LEU H 31 18.98 -8.67 15.29
N ASP H 32 18.77 -7.76 14.34
CA ASP H 32 18.15 -6.47 14.62
C ASP H 32 16.64 -6.52 14.78
N GLY H 33 15.97 -7.26 13.91
CA GLY H 33 14.53 -7.33 14.04
C GLY H 33 13.90 -8.47 13.26
N TYR H 34 12.60 -8.64 13.45
CA TYR H 34 11.90 -9.69 12.75
C TYR H 34 10.40 -9.35 12.70
N ASP H 35 9.60 -10.26 12.15
CA ASP H 35 8.15 -10.05 12.02
C ASP H 35 7.36 -11.35 11.98
N ILE H 36 6.07 -11.22 11.75
CA ILE H 36 5.18 -12.37 11.66
C ILE H 36 5.73 -13.43 10.72
N HIS H 37 5.73 -13.10 9.43
CA HIS H 37 6.19 -13.99 8.36
C HIS H 37 7.52 -14.66 8.69
N MET H 38 8.30 -13.99 9.53
CA MET H 38 9.61 -14.43 9.97
C MET H 38 10.73 -13.82 9.12
N ASN H 39 10.46 -12.66 8.54
CA ASN H 39 11.49 -12.02 7.76
C ASN H 39 12.49 -11.60 8.84
N LEU H 40 13.73 -11.32 8.46
CA LEU H 40 14.70 -10.95 9.46
C LEU H 40 15.51 -9.75 9.01
N VAL H 41 16.05 -9.02 9.96
CA VAL H 41 16.92 -7.89 9.67
C VAL H 41 18.19 -8.24 10.42
N LEU H 42 19.33 -8.03 9.80
CA LEU H 42 20.58 -8.34 10.47
C LEU H 42 21.56 -7.23 10.20
N LEU H 43 22.16 -6.71 11.26
CA LEU H 43 23.15 -5.67 11.10
C LEU H 43 24.53 -6.33 10.96
N ASP H 44 25.51 -5.57 10.46
CA ASP H 44 26.89 -6.05 10.26
C ASP H 44 26.96 -7.55 10.11
N ALA H 45 26.76 -8.07 8.91
CA ALA H 45 26.81 -9.51 8.72
C ALA H 45 27.61 -9.95 7.50
N GLU H 46 27.97 -11.25 7.51
CA GLU H 46 28.77 -11.86 6.44
C GLU H 46 28.06 -13.07 5.83
N GLU H 47 28.13 -13.17 4.51
CA GLU H 47 27.53 -14.29 3.80
C GLU H 47 28.54 -15.42 3.93
N ILE H 48 28.06 -16.64 4.14
CA ILE H 48 28.97 -17.77 4.30
C ILE H 48 28.38 -19.06 3.75
N GLN H 49 28.69 -19.43 2.52
CA GLN H 49 28.16 -20.70 2.05
C GLN H 49 29.10 -21.74 2.64
N ASN H 50 30.38 -21.63 2.30
CA ASN H 50 31.34 -22.57 2.85
C ASN H 50 31.81 -22.06 4.20
N GLY H 51 31.52 -22.83 5.24
CA GLY H 51 31.89 -22.47 6.60
C GLY H 51 33.19 -21.71 6.70
N GLU H 52 33.12 -20.41 6.39
CA GLU H 52 34.28 -19.53 6.41
C GLU H 52 33.72 -18.10 6.33
N VAL H 53 34.23 -17.31 5.38
CA VAL H 53 33.79 -15.93 5.19
C VAL H 53 33.93 -15.55 3.73
N VAL H 54 32.81 -15.27 3.07
CA VAL H 54 32.78 -14.94 1.66
C VAL H 54 32.49 -13.46 1.31
N ARG H 55 31.97 -12.68 2.26
CA ARG H 55 31.68 -11.25 2.02
C ARG H 55 30.98 -10.58 3.21
N LYS H 56 30.78 -9.25 3.14
CA LYS H 56 30.14 -8.50 4.23
C LYS H 56 29.07 -7.50 3.79
N VAL H 57 28.14 -7.19 4.69
CA VAL H 57 27.05 -6.25 4.42
C VAL H 57 26.49 -5.54 5.66
N GLY H 58 26.68 -4.22 5.71
CA GLY H 58 26.21 -3.43 6.83
C GLY H 58 24.93 -3.93 7.47
N SER H 59 24.04 -4.50 6.66
CA SER H 59 22.78 -5.02 7.14
C SER H 59 22.00 -5.67 6.00
N VAL H 60 20.97 -6.44 6.35
CA VAL H 60 20.16 -7.12 5.33
C VAL H 60 18.77 -7.44 5.77
N VAL H 61 17.86 -7.50 4.81
CA VAL H 61 16.48 -7.88 5.10
C VAL H 61 16.29 -9.15 4.30
N ILE H 62 15.89 -10.20 5.00
CA ILE H 62 15.70 -11.54 4.46
C ILE H 62 14.23 -11.93 4.43
N ARG H 63 13.81 -12.59 3.36
CA ARG H 63 12.43 -13.05 3.27
C ARG H 63 12.29 -14.34 4.11
N GLY H 64 11.43 -14.29 5.10
CA GLY H 64 11.25 -15.46 5.94
C GLY H 64 11.06 -16.73 5.16
N ASP H 65 10.53 -16.58 3.96
CA ASP H 65 10.25 -17.72 3.10
C ASP H 65 11.55 -18.46 2.76
N THR H 66 12.64 -17.72 2.77
CA THR H 66 13.97 -18.21 2.45
C THR H 66 14.68 -18.99 3.56
N VAL H 67 14.29 -18.70 4.81
CA VAL H 67 14.92 -19.28 5.99
C VAL H 67 14.67 -20.73 6.31
N VAL H 68 15.72 -21.42 6.74
CA VAL H 68 15.57 -22.80 7.14
C VAL H 68 15.65 -22.82 8.67
N PHE H 69 16.66 -22.17 9.24
CA PHE H 69 16.74 -22.12 10.69
C PHE H 69 17.57 -20.96 11.22
N VAL H 70 17.31 -20.59 12.46
CA VAL H 70 18.06 -19.51 13.08
C VAL H 70 18.54 -20.03 14.43
N SER H 71 19.82 -19.86 14.71
CA SER H 71 20.40 -20.32 15.97
C SER H 71 21.41 -19.34 16.53
N PRO H 72 21.42 -19.18 17.87
CA PRO H 72 22.34 -18.27 18.56
C PRO H 72 23.80 -18.65 18.28
N ALA H 73 24.59 -17.66 17.88
CA ALA H 73 26.00 -17.91 17.61
C ALA H 73 26.76 -17.76 18.91
N PRO H 74 27.12 -18.89 19.55
CA PRO H 74 27.85 -18.86 20.81
C PRO H 74 29.07 -17.95 20.73
N PRO I 3 -4.79 -38.30 18.72
CA PRO I 3 -5.72 -38.08 17.59
C PRO I 3 -5.75 -36.59 17.28
N ARG I 4 -4.57 -36.02 17.09
CA ARG I 4 -4.44 -34.61 16.81
C ARG I 4 -2.95 -34.33 16.66
N PRO I 5 -2.44 -34.36 15.40
CA PRO I 5 -1.02 -34.11 15.12
C PRO I 5 -0.31 -33.17 16.07
N LEU I 6 -0.85 -31.98 16.26
CA LEU I 6 -0.23 -31.01 17.16
C LEU I 6 -0.20 -31.47 18.60
N ASP I 7 -1.20 -32.27 19.00
CA ASP I 7 -1.26 -32.79 20.35
C ASP I 7 -0.04 -33.68 20.59
N VAL I 8 0.22 -34.59 19.66
CA VAL I 8 1.36 -35.51 19.73
C VAL I 8 2.65 -34.73 19.87
N LEU I 9 2.74 -33.62 19.18
CA LEU I 9 3.92 -32.81 19.24
C LEU I 9 4.11 -32.31 20.66
N ASN I 10 3.00 -31.88 21.27
CA ASN I 10 2.97 -31.35 22.63
C ASN I 10 3.41 -32.40 23.65
N ARG I 11 2.84 -33.59 23.54
CA ARG I 11 3.15 -34.72 24.42
C ARG I 11 4.62 -35.13 24.34
N SER I 12 5.48 -34.26 23.80
CA SER I 12 6.89 -34.57 23.64
C SER I 12 7.76 -33.38 24.04
N LEU I 13 7.14 -32.30 24.47
CA LEU I 13 7.94 -31.16 24.88
C LEU I 13 8.89 -31.66 25.94
N LYS I 14 10.12 -31.17 25.89
CA LYS I 14 11.19 -31.52 26.83
C LYS I 14 11.82 -32.89 26.61
N SER I 15 11.24 -33.69 25.73
CA SER I 15 11.79 -35.02 25.42
C SER I 15 12.63 -34.93 24.15
N PRO I 16 13.47 -35.95 23.89
CA PRO I 16 14.32 -35.96 22.69
C PRO I 16 13.57 -36.30 21.38
N VAL I 17 13.87 -35.58 20.30
CA VAL I 17 13.21 -35.84 18.99
C VAL I 17 14.10 -35.78 17.74
N ILE I 18 13.61 -36.43 16.68
CA ILE I 18 14.29 -36.45 15.37
C ILE I 18 13.47 -35.60 14.37
N VAL I 19 14.11 -34.57 13.83
CA VAL I 19 13.43 -33.68 12.90
C VAL I 19 14.05 -33.76 11.51
N ARG I 20 13.30 -34.31 10.57
CA ARG I 20 13.80 -34.44 9.20
C ARG I 20 13.42 -33.25 8.32
N LEU I 21 14.41 -32.61 7.75
CA LEU I 21 14.20 -31.48 6.86
C LEU I 21 14.12 -31.91 5.40
N LYS I 22 13.73 -30.97 4.54
CA LYS I 22 13.67 -31.25 3.11
C LYS I 22 15.09 -31.11 2.61
N GLY I 23 15.52 -32.02 1.76
CA GLY I 23 16.88 -31.97 1.24
C GLY I 23 17.69 -33.18 1.67
N GLY I 24 17.37 -33.74 2.84
CA GLY I 24 18.08 -34.90 3.33
C GLY I 24 18.61 -34.76 4.74
N ARG I 25 18.98 -33.54 5.14
CA ARG I 25 19.52 -33.27 6.47
C ARG I 25 18.59 -33.58 7.63
N GLU I 26 19.15 -33.60 8.84
CA GLU I 26 18.39 -33.93 10.05
C GLU I 26 18.85 -33.14 11.26
N PHE I 27 18.08 -33.25 12.34
CA PHE I 27 18.36 -32.58 13.60
C PHE I 27 17.90 -33.51 14.72
N ARG I 28 18.73 -33.62 15.75
CA ARG I 28 18.40 -34.43 16.91
C ARG I 28 18.57 -33.47 18.08
N GLY I 29 17.58 -33.42 18.96
CA GLY I 29 17.67 -32.51 20.09
C GLY I 29 16.43 -32.57 20.97
N THR I 30 16.35 -31.64 21.91
CA THR I 30 15.21 -31.61 22.81
C THR I 30 14.16 -30.59 22.36
N LEU I 31 12.94 -31.10 22.14
CA LEU I 31 11.84 -30.27 21.72
C LEU I 31 11.51 -29.28 22.81
N ASP I 32 11.68 -28.00 22.53
CA ASP I 32 11.39 -26.94 23.49
C ASP I 32 10.03 -26.32 23.18
N GLY I 33 9.98 -25.49 22.15
CA GLY I 33 8.73 -24.86 21.77
C GLY I 33 8.19 -25.31 20.43
N TYR I 34 7.07 -24.72 20.05
CA TYR I 34 6.40 -25.01 18.79
C TYR I 34 5.17 -24.12 18.69
N ASP I 35 4.72 -23.88 17.47
CA ASP I 35 3.54 -23.05 17.26
C ASP I 35 2.66 -23.64 16.15
N ILE I 36 1.56 -22.96 15.85
CA ILE I 36 0.59 -23.39 14.84
C ILE I 36 1.18 -23.87 13.52
N HIS I 37 2.10 -23.10 12.95
CA HIS I 37 2.71 -23.44 11.67
C HIS I 37 3.54 -24.68 11.72
N MET I 38 3.94 -25.05 12.93
CA MET I 38 4.79 -26.22 13.16
C MET I 38 6.27 -25.80 13.23
N ASN I 39 6.52 -24.53 13.55
CA ASN I 39 7.89 -24.09 13.70
C ASN I 39 8.32 -24.80 14.97
N LEU I 40 9.59 -25.16 15.07
CA LEU I 40 10.06 -25.86 16.25
C LEU I 40 11.18 -25.12 16.93
N VAL I 41 11.44 -25.51 18.17
CA VAL I 41 12.52 -24.94 18.95
C VAL I 41 13.24 -26.14 19.52
N LEU I 42 14.56 -26.21 19.32
CA LEU I 42 15.35 -27.33 19.83
C LEU I 42 16.51 -26.87 20.69
N LEU I 43 16.76 -27.61 21.77
CA LEU I 43 17.87 -27.29 22.68
C LEU I 43 18.92 -28.38 22.62
N ASP I 44 20.19 -27.97 22.67
CA ASP I 44 21.32 -28.88 22.62
C ASP I 44 21.11 -29.89 21.50
N ALA I 45 21.25 -29.41 20.26
CA ALA I 45 21.01 -30.25 19.11
C ALA I 45 22.20 -30.35 18.19
N GLU I 46 22.14 -31.33 17.31
CA GLU I 46 23.21 -31.58 16.35
C GLU I 46 22.59 -31.73 14.96
N GLU I 47 23.27 -31.18 13.95
CA GLU I 47 22.83 -31.28 12.56
C GLU I 47 23.43 -32.55 11.93
N ILE I 48 22.59 -33.39 11.32
CA ILE I 48 23.07 -34.64 10.71
C ILE I 48 22.80 -34.81 9.20
N GLN I 49 23.82 -35.17 8.43
CA GLN I 49 23.68 -35.41 7.00
C GLN I 49 24.27 -36.79 6.66
N ASN I 50 23.40 -37.77 6.46
CA ASN I 50 23.83 -39.11 6.10
C ASN I 50 24.84 -39.68 7.10
N GLY I 51 24.40 -39.81 8.34
CA GLY I 51 25.23 -40.39 9.39
C GLY I 51 26.28 -39.51 10.02
N GLU I 52 26.59 -38.37 9.42
CA GLU I 52 27.62 -37.50 9.99
C GLU I 52 27.13 -36.19 10.58
N VAL I 53 27.67 -35.86 11.76
CA VAL I 53 27.32 -34.62 12.45
C VAL I 53 28.07 -33.47 11.82
N VAL I 54 27.32 -32.49 11.35
CA VAL I 54 27.91 -31.32 10.71
C VAL I 54 27.78 -30.09 11.59
N ARG I 55 27.24 -30.25 12.80
CA ARG I 55 27.10 -29.10 13.70
C ARG I 55 26.35 -29.36 14.99
N LYS I 56 26.83 -28.72 16.05
CA LYS I 56 26.23 -28.80 17.37
C LYS I 56 25.79 -27.38 17.70
N VAL I 57 24.61 -27.22 18.28
CA VAL I 57 24.13 -25.88 18.64
C VAL I 57 23.41 -25.85 19.97
N GLY I 58 23.58 -24.75 20.70
CA GLY I 58 22.91 -24.58 21.97
C GLY I 58 21.42 -24.76 21.76
N SER I 59 20.89 -24.08 20.74
CA SER I 59 19.46 -24.16 20.39
C SER I 59 19.16 -23.66 18.97
N VAL I 60 18.04 -24.11 18.42
CA VAL I 60 17.66 -23.71 17.06
C VAL I 60 16.17 -23.50 16.86
N VAL I 61 15.87 -22.58 15.94
CA VAL I 61 14.49 -22.31 15.58
C VAL I 61 14.34 -22.75 14.13
N ILE I 62 13.52 -23.76 13.91
CA ILE I 62 13.30 -24.32 12.58
C ILE I 62 11.94 -23.95 11.98
N ARG I 63 11.94 -23.30 10.81
CA ARG I 63 10.73 -22.90 10.10
C ARG I 63 9.94 -24.13 9.81
N GLY I 64 8.64 -24.12 10.14
CA GLY I 64 7.81 -25.28 9.87
C GLY I 64 7.88 -25.72 8.42
N ASP I 65 7.95 -24.72 7.54
CA ASP I 65 8.02 -24.91 6.09
C ASP I 65 9.08 -25.94 5.69
N THR I 66 10.18 -26.02 6.42
CA THR I 66 11.26 -26.95 6.11
C THR I 66 11.07 -28.42 6.55
N VAL I 67 10.24 -28.62 7.57
CA VAL I 67 10.02 -29.96 8.15
C VAL I 67 9.32 -30.97 7.25
N VAL I 68 9.89 -32.14 7.15
CA VAL I 68 9.26 -33.24 6.43
C VAL I 68 8.54 -34.00 7.54
N PHE I 69 9.26 -34.35 8.59
CA PHE I 69 8.64 -35.06 9.72
C PHE I 69 9.37 -34.98 11.06
N VAL I 70 8.62 -35.22 12.12
CA VAL I 70 9.14 -35.20 13.48
C VAL I 70 8.78 -36.47 14.20
N SER I 71 9.76 -37.12 14.80
CA SER I 71 9.48 -38.34 15.53
C SER I 71 10.30 -38.45 16.83
N PRO I 72 9.78 -39.22 17.81
CA PRO I 72 10.40 -39.45 19.12
C PRO I 72 11.50 -40.49 18.99
N ALA I 73 12.51 -40.40 19.86
CA ALA I 73 13.63 -41.35 19.86
C ALA I 73 13.88 -41.80 21.31
N PRO I 74 13.50 -43.04 21.66
CA PRO I 74 13.68 -43.60 23.00
C PRO I 74 15.10 -43.46 23.56
N PRO J 3 -4.33 20.57 31.85
CA PRO J 3 -5.39 19.70 31.31
C PRO J 3 -6.17 20.39 30.19
N ARG J 4 -5.50 21.37 29.59
CA ARG J 4 -6.01 22.13 28.46
C ARG J 4 -4.73 22.58 27.75
N PRO J 5 -4.50 22.04 26.53
CA PRO J 5 -3.30 22.39 25.75
C PRO J 5 -2.85 23.82 25.98
N LEU J 6 -3.73 24.78 25.70
CA LEU J 6 -3.39 26.17 25.88
C LEU J 6 -2.84 26.46 27.27
N ASP J 7 -3.38 25.78 28.29
CA ASP J 7 -2.92 25.99 29.66
C ASP J 7 -1.47 25.54 29.87
N VAL J 8 -1.07 24.46 29.21
CA VAL J 8 0.30 23.97 29.35
C VAL J 8 1.26 25.00 28.75
N LEU J 9 0.83 25.59 27.65
CA LEU J 9 1.66 26.60 27.01
C LEU J 9 1.91 27.71 28.01
N ASN J 10 0.83 28.24 28.58
CA ASN J 10 0.92 29.33 29.55
C ASN J 10 1.91 29.00 30.64
N ARG J 11 1.79 27.79 31.18
CA ARG J 11 2.69 27.33 32.25
C ARG J 11 4.15 27.28 31.79
N SER J 12 4.40 27.74 30.56
CA SER J 12 5.76 27.72 30.01
C SER J 12 6.26 29.11 29.64
N LEU J 13 5.41 30.12 29.76
CA LEU J 13 5.81 31.48 29.43
C LEU J 13 7.11 31.85 30.14
N LYS J 14 7.93 32.65 29.46
CA LYS J 14 9.20 33.12 29.99
C LYS J 14 10.25 32.03 30.16
N SER J 15 9.97 30.83 29.65
CA SER J 15 10.93 29.74 29.76
C SER J 15 11.37 29.27 28.38
N PRO J 16 12.57 28.68 28.29
CA PRO J 16 13.07 28.21 26.99
C PRO J 16 12.20 27.10 26.43
N VAL J 17 12.03 27.07 25.12
CA VAL J 17 11.20 26.04 24.48
C VAL J 17 11.67 25.71 23.06
N ILE J 18 11.13 24.61 22.54
CA ILE J 18 11.41 24.11 21.18
C ILE J 18 10.16 24.08 20.28
N VAL J 19 10.16 24.90 19.24
CA VAL J 19 9.04 24.94 18.30
C VAL J 19 9.41 24.24 16.98
N ARG J 20 8.69 23.16 16.67
CA ARG J 20 8.90 22.40 15.45
C ARG J 20 7.90 22.80 14.36
N LEU J 21 8.37 22.88 13.11
CA LEU J 21 7.52 23.29 11.99
C LEU J 21 7.33 22.34 10.82
N LYS J 22 6.24 22.56 10.07
CA LYS J 22 5.90 21.79 8.88
C LYS J 22 7.02 21.98 7.88
N GLY J 23 7.48 20.88 7.31
CA GLY J 23 8.58 20.96 6.37
C GLY J 23 9.79 20.39 7.06
N GLY J 24 10.37 21.15 7.97
CA GLY J 24 11.53 20.65 8.67
C GLY J 24 12.06 21.51 9.79
N ARG J 25 12.31 22.79 9.51
CA ARG J 25 12.88 23.73 10.49
C ARG J 25 12.29 23.80 11.93
N GLU J 26 13.15 24.19 12.88
CA GLU J 26 12.78 24.30 14.29
C GLU J 26 13.39 25.56 14.91
N PHE J 27 12.71 26.12 15.91
CA PHE J 27 13.22 27.30 16.61
C PHE J 27 13.45 26.97 18.07
N ARG J 28 14.39 27.67 18.68
CA ARG J 28 14.69 27.52 20.09
C ARG J 28 14.71 28.91 20.68
N GLY J 29 13.90 29.14 21.71
CA GLY J 29 13.87 30.45 22.32
C GLY J 29 12.96 30.48 23.52
N THR J 30 12.74 31.67 24.05
CA THR J 30 11.90 31.85 25.21
C THR J 30 10.44 32.19 24.83
N LEU J 31 9.52 31.34 25.26
CA LEU J 31 8.10 31.56 24.95
C LEU J 31 7.53 32.84 25.57
N ASP J 32 7.57 33.95 24.85
CA ASP J 32 7.08 35.23 25.37
C ASP J 32 5.57 35.51 25.23
N GLY J 33 4.92 34.91 24.25
CA GLY J 33 3.49 35.15 24.06
C GLY J 33 2.82 34.12 23.17
N TYR J 34 1.50 34.13 23.10
CA TYR J 34 0.80 33.16 22.27
C TYR J 34 -0.69 33.51 22.21
N ASP J 35 -1.46 32.79 21.40
CA ASP J 35 -2.89 33.07 21.32
C ASP J 35 -3.74 31.91 20.80
N ILE J 36 -5.05 32.10 20.83
CA ILE J 36 -6.03 31.10 20.40
C ILE J 36 -5.70 30.33 19.12
N HIS J 37 -5.17 31.00 18.11
CA HIS J 37 -4.82 30.36 16.82
C HIS J 37 -3.56 29.53 16.96
N MET J 38 -2.83 29.83 18.02
CA MET J 38 -1.57 29.23 18.40
C MET J 38 -0.38 29.94 17.79
N ASN J 39 -0.53 31.25 17.59
CA ASN J 39 0.57 32.02 17.06
C ASN J 39 1.53 32.08 18.23
N LEU J 40 2.81 32.31 17.97
CA LEU J 40 3.75 32.33 19.06
C LEU J 40 4.67 33.50 18.95
N VAL J 41 5.27 33.84 20.08
CA VAL J 41 6.25 34.91 20.10
C VAL J 41 7.40 34.28 20.88
N LEU J 42 8.63 34.48 20.40
CA LEU J 42 9.78 33.93 21.09
C LEU J 42 10.83 35.02 21.12
N LEU J 43 11.65 35.05 22.17
CA LEU J 43 12.70 36.04 22.29
C LEU J 43 14.05 35.32 22.19
N ASP J 44 15.09 36.07 21.82
CA ASP J 44 16.45 35.56 21.69
C ASP J 44 16.43 34.10 21.24
N ALA J 45 15.98 33.87 20.01
CA ALA J 45 15.86 32.52 19.48
C ALA J 45 16.77 32.21 18.30
N GLU J 46 16.94 30.91 18.04
CA GLU J 46 17.78 30.44 16.96
C GLU J 46 16.95 29.56 16.01
N GLU J 47 17.33 29.56 14.73
CA GLU J 47 16.64 28.75 13.75
C GLU J 47 17.50 27.54 13.40
N ILE J 48 17.16 26.39 13.96
CA ILE J 48 17.92 25.18 13.72
C ILE J 48 17.48 24.51 12.41
N GLN J 49 18.12 24.88 11.30
CA GLN J 49 17.78 24.30 10.02
C GLN J 49 18.45 22.94 9.81
N ASN J 50 17.63 21.92 9.58
CA ASN J 50 18.12 20.57 9.36
C ASN J 50 19.44 20.28 10.06
N GLY J 51 19.45 20.39 11.38
CA GLY J 51 20.66 20.11 12.12
C GLY J 51 21.41 21.31 12.68
N GLU J 52 21.97 22.13 11.79
CA GLU J 52 22.74 23.31 12.22
C GLU J 52 21.96 24.61 12.41
N VAL J 53 22.43 25.44 13.34
CA VAL J 53 21.81 26.73 13.63
C VAL J 53 22.15 27.68 12.51
N VAL J 54 21.17 28.02 11.68
CA VAL J 54 21.42 28.91 10.55
C VAL J 54 20.88 30.33 10.66
N ARG J 55 20.69 30.83 11.88
CA ARG J 55 20.23 32.20 12.06
C ARG J 55 19.75 32.54 13.47
N LYS J 56 19.96 33.80 13.84
CA LYS J 56 19.56 34.32 15.14
C LYS J 56 18.70 35.57 14.97
N VAL J 57 17.71 35.73 15.83
CA VAL J 57 16.83 36.90 15.78
C VAL J 57 16.39 37.31 17.18
N GLY J 58 16.26 38.62 17.39
CA GLY J 58 15.86 39.15 18.68
C GLY J 58 14.49 38.68 19.13
N SER J 59 13.61 38.42 18.16
CA SER J 59 12.27 37.92 18.46
C SER J 59 11.55 37.55 17.16
N VAL J 60 10.58 36.65 17.26
CA VAL J 60 9.81 36.21 16.08
C VAL J 60 8.34 35.98 16.40
N VAL J 61 7.51 36.10 15.37
CA VAL J 61 6.09 35.82 15.52
C VAL J 61 5.90 34.68 14.52
N ILE J 62 5.31 33.58 14.97
CA ILE J 62 5.15 32.40 14.13
C ILE J 62 3.68 32.03 13.90
N ARG J 63 3.22 32.05 12.64
CA ARG J 63 1.84 31.68 12.37
C ARG J 63 1.57 30.28 12.92
N GLY J 64 0.56 30.17 13.77
CA GLY J 64 0.24 28.89 14.34
C GLY J 64 -0.05 27.82 13.31
N ASP J 65 -0.48 28.25 12.12
CA ASP J 65 -0.81 27.35 11.01
C ASP J 65 0.43 26.57 10.55
N THR J 66 1.61 27.07 10.91
CA THR J 66 2.87 26.45 10.55
C THR J 66 3.40 25.45 11.60
N VAL J 67 2.93 25.58 12.85
CA VAL J 67 3.38 24.75 13.97
C VAL J 67 2.92 23.30 14.01
N VAL J 68 3.85 22.41 14.33
CA VAL J 68 3.53 20.99 14.46
C VAL J 68 3.47 20.70 15.96
N PHE J 69 4.49 21.15 16.69
CA PHE J 69 4.49 20.96 18.14
C PHE J 69 5.43 21.91 18.90
N VAL J 70 5.03 22.16 20.14
CA VAL J 70 5.78 23.02 21.06
C VAL J 70 6.06 22.18 22.30
N SER J 71 7.32 22.21 22.74
CA SER J 71 7.74 21.44 23.91
C SER J 71 8.81 22.12 24.72
N PRO J 72 8.82 21.88 26.05
CA PRO J 72 9.74 22.39 27.07
C PRO J 72 11.18 22.03 26.73
N ALA J 73 12.02 23.04 26.53
CA ALA J 73 13.43 22.83 26.18
C ALA J 73 14.24 22.48 27.43
N PRO J 74 15.59 22.66 27.37
CA PRO J 74 16.48 22.38 28.49
C PRO J 74 15.87 22.46 29.89
N MET K 1 -25.89 6.05 24.29
CA MET K 1 -25.06 4.83 24.14
C MET K 1 -23.76 5.11 23.35
N PRO K 2 -23.75 4.93 22.00
CA PRO K 2 -22.51 5.21 21.28
C PRO K 2 -21.87 6.54 21.66
N PRO K 3 -20.56 6.53 21.93
CA PRO K 3 -19.75 7.68 22.33
C PRO K 3 -19.26 8.61 21.20
N ARG K 4 -19.23 9.91 21.47
CA ARG K 4 -18.75 10.87 20.48
C ARG K 4 -17.22 10.69 20.47
N PRO K 5 -16.58 10.96 19.32
CA PRO K 5 -15.13 10.80 19.25
C PRO K 5 -14.40 11.44 20.42
N LEU K 6 -14.75 12.68 20.75
CA LEU K 6 -14.11 13.37 21.87
C LEU K 6 -14.30 12.65 23.20
N ASP K 7 -15.41 11.94 23.34
CA ASP K 7 -15.67 11.23 24.58
C ASP K 7 -14.69 10.08 24.78
N VAL K 8 -14.27 9.46 23.69
CA VAL K 8 -13.31 8.36 23.77
C VAL K 8 -11.94 8.85 24.21
N LEU K 9 -11.56 10.04 23.79
CA LEU K 9 -10.26 10.59 24.16
C LEU K 9 -10.16 10.82 25.65
N ASN K 10 -11.24 11.35 26.24
CA ASN K 10 -11.30 11.64 27.67
C ASN K 10 -11.17 10.35 28.48
N ARG K 11 -11.91 9.34 28.05
CA ARG K 11 -11.92 8.02 28.67
C ARG K 11 -10.54 7.36 28.54
N SER K 12 -9.55 8.15 28.12
CA SER K 12 -8.19 7.62 27.97
C SER K 12 -7.17 8.55 28.58
N LEU K 13 -7.64 9.58 29.28
CA LEU K 13 -6.75 10.56 29.92
C LEU K 13 -5.91 9.86 30.98
N LYS K 14 -4.68 10.34 31.17
CA LYS K 14 -3.77 9.78 32.15
C LYS K 14 -3.34 8.35 31.79
N SER K 15 -3.73 7.88 30.61
CA SER K 15 -3.35 6.55 30.15
C SER K 15 -2.36 6.69 28.99
N PRO K 16 -1.63 5.61 28.66
CA PRO K 16 -0.66 5.69 27.57
C PRO K 16 -1.37 5.63 26.21
N VAL K 17 -0.83 6.34 25.22
CA VAL K 17 -1.43 6.38 23.90
C VAL K 17 -0.39 6.54 22.80
N ILE K 18 -0.81 6.27 21.57
CA ILE K 18 0.02 6.43 20.38
C ILE K 18 -0.64 7.47 19.46
N VAL K 19 0.12 8.48 19.06
CA VAL K 19 -0.38 9.54 18.22
C VAL K 19 0.29 9.62 16.87
N ARG K 20 -0.42 9.18 15.83
CA ARG K 20 0.10 9.24 14.45
C ARG K 20 0.04 10.70 13.95
N LEU K 21 1.05 11.13 13.19
CA LEU K 21 1.05 12.50 12.68
C LEU K 21 1.16 12.60 11.16
N LYS K 22 0.64 13.67 10.59
CA LYS K 22 0.74 13.85 9.15
C LYS K 22 2.22 13.85 8.81
N GLY K 23 2.61 13.06 7.82
CA GLY K 23 4.00 13.05 7.42
C GLY K 23 4.77 11.80 7.75
N GLY K 24 4.35 11.07 8.79
CA GLY K 24 5.03 9.84 9.15
C GLY K 24 5.30 9.63 10.63
N ARG K 25 5.80 10.68 11.28
CA ARG K 25 6.13 10.65 12.69
C ARG K 25 5.02 10.20 13.63
N GLU K 26 5.42 9.62 14.76
CA GLU K 26 4.51 9.14 15.79
C GLU K 26 5.04 9.56 17.16
N PHE K 27 4.16 9.62 18.15
CA PHE K 27 4.50 10.01 19.50
C PHE K 27 3.92 8.98 20.44
N ARG K 28 4.70 8.60 21.43
CA ARG K 28 4.24 7.65 22.42
C ARG K 28 4.25 8.46 23.69
N GLY K 29 3.18 8.36 24.49
CA GLY K 29 3.17 9.15 25.70
C GLY K 29 1.86 9.07 26.43
N THR K 30 1.75 9.86 27.49
CA THR K 30 0.54 9.87 28.30
C THR K 30 -0.33 11.04 27.93
N LEU K 31 -1.57 10.75 27.56
CA LEU K 31 -2.52 11.79 27.16
C LEU K 31 -2.87 12.63 28.36
N ASP K 32 -2.21 13.77 28.52
CA ASP K 32 -2.50 14.65 29.66
C ASP K 32 -3.69 15.55 29.36
N GLY K 33 -3.67 16.27 28.24
CA GLY K 33 -4.78 17.15 27.93
C GLY K 33 -5.22 17.15 26.48
N TYR K 34 -6.25 17.93 26.18
CA TYR K 34 -6.79 18.03 24.83
C TYR K 34 -7.98 18.98 24.77
N ASP K 35 -8.17 19.63 23.63
CA ASP K 35 -9.31 20.54 23.49
C ASP K 35 -10.21 20.15 22.31
N ILE K 36 -11.13 21.05 21.96
CA ILE K 36 -12.09 20.81 20.89
C ILE K 36 -11.39 20.83 19.52
N HIS K 37 -10.37 21.67 19.38
CA HIS K 37 -9.59 21.76 18.16
C HIS K 37 -8.59 20.63 18.28
N MET K 38 -9.05 19.50 18.79
CA MET K 38 -8.23 18.31 19.01
C MET K 38 -6.73 18.51 19.19
N ASN K 39 -6.33 19.55 19.91
CA ASN K 39 -4.93 19.75 20.18
C ASN K 39 -4.63 18.69 21.24
N LEU K 40 -3.36 18.42 21.52
CA LEU K 40 -3.08 17.39 22.51
C LEU K 40 -1.86 17.65 23.40
N VAL K 41 -1.94 17.16 24.63
CA VAL K 41 -0.84 17.31 25.57
C VAL K 41 -0.36 15.91 26.00
N LEU K 42 0.93 15.66 25.82
CA LEU K 42 1.53 14.38 26.18
C LEU K 42 2.68 14.57 27.18
N LEU K 43 2.73 13.71 28.19
CA LEU K 43 3.81 13.80 29.18
C LEU K 43 4.73 12.60 29.02
N ASP K 44 6.01 12.80 29.33
CA ASP K 44 7.01 11.74 29.22
C ASP K 44 6.75 11.02 27.92
N ALA K 45 7.06 11.68 26.82
CA ALA K 45 6.80 11.09 25.52
C ALA K 45 8.04 10.91 24.68
N GLU K 46 7.95 9.95 23.74
CA GLU K 46 9.03 9.66 22.81
C GLU K 46 8.50 9.92 21.41
N GLU K 47 9.39 10.41 20.53
CA GLU K 47 9.06 10.69 19.14
C GLU K 47 9.61 9.58 18.25
N ILE K 48 8.74 8.70 17.77
CA ILE K 48 9.17 7.59 16.92
C ILE K 48 9.10 7.85 15.40
N GLN K 49 10.25 7.80 14.73
CA GLN K 49 10.32 8.00 13.27
C GLN K 49 10.94 6.77 12.56
N ASN K 50 10.11 6.01 11.85
CA ASN K 50 10.62 4.82 11.16
C ASN K 50 11.15 3.80 12.15
N GLY K 51 10.31 3.42 13.12
CA GLY K 51 10.69 2.43 14.11
C GLY K 51 11.54 2.79 15.33
N GLU K 52 12.38 3.81 15.23
CA GLU K 52 13.22 4.16 16.37
C GLU K 52 13.02 5.58 16.92
N VAL K 53 13.51 5.81 18.14
CA VAL K 53 13.39 7.11 18.79
C VAL K 53 14.32 8.14 18.17
N VAL K 54 13.92 9.41 18.23
CA VAL K 54 14.72 10.51 17.69
C VAL K 54 14.62 11.68 18.68
N ARG K 55 13.90 11.48 19.77
CA ARG K 55 13.74 12.50 20.78
C ARG K 55 12.81 12.07 21.92
N LYS K 56 13.15 12.51 23.12
CA LYS K 56 12.36 12.25 24.33
C LYS K 56 12.03 13.63 24.89
N VAL K 57 10.88 13.75 25.52
CA VAL K 57 10.48 15.05 26.07
C VAL K 57 9.57 14.89 27.29
N GLY K 58 9.68 15.83 28.22
CA GLY K 58 8.86 15.80 29.41
C GLY K 58 7.40 15.91 29.02
N SER K 59 7.13 16.80 28.07
CA SER K 59 5.77 17.00 27.57
C SER K 59 5.75 17.76 26.23
N VAL K 60 4.63 17.65 25.52
CA VAL K 60 4.48 18.30 24.23
C VAL K 60 3.06 18.70 23.94
N VAL K 61 2.93 19.79 23.19
CA VAL K 61 1.63 20.27 22.75
C VAL K 61 1.65 20.07 21.24
N ILE K 62 0.74 19.24 20.76
CA ILE K 62 0.63 18.92 19.34
C ILE K 62 -0.61 19.58 18.72
N ARG K 63 -0.42 20.42 17.70
CA ARG K 63 -1.56 21.07 17.03
C ARG K 63 -2.44 19.96 16.44
N GLY K 64 -3.74 20.02 16.72
CA GLY K 64 -4.65 19.00 16.22
C GLY K 64 -4.64 18.89 14.71
N ASP K 65 -4.32 19.99 14.06
CA ASP K 65 -4.26 20.07 12.61
C ASP K 65 -3.31 19.00 12.04
N THR K 66 -2.24 18.72 12.79
CA THR K 66 -1.21 17.75 12.39
C THR K 66 -1.53 16.29 12.71
N VAL K 67 -2.60 16.04 13.45
CA VAL K 67 -2.97 14.69 13.84
C VAL K 67 -3.75 13.89 12.81
N VAL K 68 -3.40 12.62 12.64
CA VAL K 68 -4.11 11.74 11.72
C VAL K 68 -4.98 10.87 12.62
N PHE K 69 -4.37 10.28 13.65
CA PHE K 69 -5.16 9.45 14.54
C PHE K 69 -4.54 9.30 15.92
N VAL K 70 -5.35 8.80 16.85
CA VAL K 70 -4.92 8.60 18.22
C VAL K 70 -5.39 7.25 18.69
N SER K 71 -4.49 6.47 19.29
CA SER K 71 -4.87 5.15 19.74
C SER K 71 -4.28 4.76 21.09
N PRO K 72 -5.10 4.14 21.94
CA PRO K 72 -4.64 3.69 23.27
C PRO K 72 -3.69 2.50 23.15
N ALA K 73 -2.56 2.56 23.87
CA ALA K 73 -1.55 1.50 23.83
C ALA K 73 -1.28 0.88 25.21
N PRO L 3 -31.86 10.28 1.92
CA PRO L 3 -30.83 9.96 2.93
C PRO L 3 -29.56 10.75 2.65
N ARG L 4 -29.09 11.50 3.65
CA ARG L 4 -27.88 12.32 3.52
C ARG L 4 -26.65 11.62 4.12
N PRO L 5 -25.45 12.04 3.69
CA PRO L 5 -24.18 11.45 4.16
C PRO L 5 -24.13 11.07 5.64
N LEU L 6 -24.16 12.05 6.53
CA LEU L 6 -24.11 11.75 7.95
C LEU L 6 -25.18 10.72 8.35
N ASP L 7 -26.32 10.73 7.67
CA ASP L 7 -27.38 9.77 7.99
C ASP L 7 -27.06 8.36 7.55
N VAL L 8 -26.11 8.20 6.65
CA VAL L 8 -25.76 6.85 6.21
C VAL L 8 -24.69 6.25 7.11
N LEU L 9 -23.89 7.13 7.71
CA LEU L 9 -22.85 6.69 8.63
C LEU L 9 -23.59 6.14 9.84
N ASN L 10 -24.55 6.92 10.32
CA ASN L 10 -25.35 6.56 11.47
C ASN L 10 -26.01 5.21 11.29
N ARG L 11 -26.39 4.92 10.06
CA ARG L 11 -27.03 3.67 9.72
C ARG L 11 -26.01 2.52 9.71
N SER L 12 -24.76 2.84 9.99
CA SER L 12 -23.70 1.83 9.99
C SER L 12 -22.99 1.70 11.34
N LEU L 13 -23.60 2.24 12.39
CA LEU L 13 -23.01 2.15 13.71
C LEU L 13 -23.03 0.69 14.19
N LYS L 14 -22.02 0.33 14.98
CA LYS L 14 -21.89 -1.02 15.51
C LYS L 14 -21.72 -2.09 14.43
N SER L 15 -21.43 -1.67 13.20
CA SER L 15 -21.24 -2.60 12.09
C SER L 15 -19.82 -2.41 11.56
N PRO L 16 -19.36 -3.31 10.68
CA PRO L 16 -18.01 -3.17 10.14
C PRO L 16 -17.95 -2.21 8.96
N VAL L 17 -16.86 -1.47 8.85
CA VAL L 17 -16.68 -0.52 7.76
C VAL L 17 -15.22 -0.42 7.35
N ILE L 18 -14.99 0.23 6.22
CA ILE L 18 -13.65 0.43 5.68
C ILE L 18 -13.43 1.92 5.54
N VAL L 19 -12.26 2.38 5.91
CA VAL L 19 -11.96 3.79 5.86
C VAL L 19 -10.69 4.01 5.07
N ARG L 20 -10.70 4.92 4.10
CA ARG L 20 -9.49 5.19 3.32
C ARG L 20 -9.06 6.57 3.76
N LEU L 21 -7.75 6.80 3.85
CA LEU L 21 -7.24 8.09 4.29
C LEU L 21 -6.41 8.78 3.23
N LYS L 22 -6.14 10.06 3.44
CA LYS L 22 -5.36 10.79 2.47
C LYS L 22 -3.92 10.31 2.49
N GLY L 23 -3.64 9.28 1.70
CA GLY L 23 -2.30 8.74 1.64
C GLY L 23 -2.35 7.30 1.16
N GLY L 24 -3.55 6.79 0.96
CA GLY L 24 -3.69 5.43 0.49
C GLY L 24 -3.84 4.41 1.61
N ARG L 25 -3.63 4.84 2.85
CA ARG L 25 -3.75 3.93 4.00
C ARG L 25 -5.21 3.63 4.35
N GLU L 26 -5.52 2.37 4.67
CA GLU L 26 -6.88 2.00 5.00
C GLU L 26 -7.05 1.23 6.32
N PHE L 27 -8.19 1.47 6.99
CA PHE L 27 -8.51 0.80 8.23
C PHE L 27 -9.73 -0.08 8.02
N ARG L 28 -9.94 -1.01 8.93
CA ARG L 28 -11.08 -1.91 8.86
C ARG L 28 -11.48 -2.02 10.32
N GLY L 29 -12.77 -2.04 10.61
CA GLY L 29 -13.18 -2.12 12.00
C GLY L 29 -14.63 -1.75 12.22
N THR L 30 -15.07 -1.81 13.47
CA THR L 30 -16.44 -1.50 13.80
C THR L 30 -16.62 -0.01 14.02
N LEU L 31 -17.54 0.58 13.26
CA LEU L 31 -17.81 2.01 13.40
C LEU L 31 -18.50 2.18 14.74
N ASP L 32 -17.86 2.90 15.67
CA ASP L 32 -18.45 3.07 16.98
C ASP L 32 -19.07 4.46 17.19
N GLY L 33 -18.47 5.48 16.59
CA GLY L 33 -18.99 6.82 16.74
C GLY L 33 -18.60 7.66 15.55
N TYR L 34 -19.04 8.92 15.58
CA TYR L 34 -18.73 9.87 14.53
C TYR L 34 -19.29 11.19 15.00
N ASP L 35 -18.96 12.27 14.31
CA ASP L 35 -19.44 13.56 14.72
C ASP L 35 -19.59 14.52 13.54
N ILE L 36 -19.86 15.78 13.86
CA ILE L 36 -20.05 16.81 12.87
C ILE L 36 -18.92 16.91 11.84
N HIS L 37 -17.67 16.93 12.31
CA HIS L 37 -16.50 17.05 11.42
C HIS L 37 -16.13 15.74 10.72
N MET L 38 -16.91 14.70 11.00
CA MET L 38 -16.69 13.38 10.43
C MET L 38 -15.48 12.66 11.05
N ASN L 39 -15.22 12.95 12.33
CA ASN L 39 -14.15 12.29 13.07
C ASN L 39 -14.74 10.92 13.35
N LEU L 40 -13.94 9.88 13.23
CA LEU L 40 -14.45 8.56 13.48
C LEU L 40 -13.81 7.88 14.71
N VAL L 41 -14.50 6.86 15.17
CA VAL L 41 -14.06 6.08 16.31
C VAL L 41 -14.30 4.66 15.87
N LEU L 42 -13.25 3.85 15.81
CA LEU L 42 -13.40 2.46 15.40
C LEU L 42 -12.91 1.56 16.54
N LEU L 43 -13.49 0.37 16.67
CA LEU L 43 -13.06 -0.58 17.70
C LEU L 43 -12.53 -1.84 17.00
N ASP L 44 -11.56 -2.51 17.62
CA ASP L 44 -10.96 -3.72 17.06
C ASP L 44 -10.70 -3.54 15.57
N ALA L 45 -9.86 -2.55 15.25
CA ALA L 45 -9.54 -2.23 13.87
C ALA L 45 -8.15 -2.65 13.43
N GLU L 46 -8.01 -2.86 12.12
CA GLU L 46 -6.75 -3.25 11.53
C GLU L 46 -6.32 -2.23 10.50
N GLU L 47 -5.01 -2.00 10.39
CA GLU L 47 -4.45 -1.09 9.41
C GLU L 47 -4.17 -1.99 8.21
N ILE L 48 -4.72 -1.79 6.93
CA ILE L 48 -4.64 -2.73 5.72
C ILE L 48 -3.87 -2.16 4.51
N GLN L 49 -3.12 -3.03 3.85
CA GLN L 49 -2.33 -2.77 2.71
C GLN L 49 -2.67 -3.82 1.67
N ASN L 50 -3.34 -3.37 0.68
CA ASN L 50 -3.83 -4.20 -0.41
C ASN L 50 -4.16 -5.64 -0.08
N GLY L 51 -5.26 -5.70 0.70
CA GLY L 51 -5.83 -6.97 1.09
C GLY L 51 -5.05 -7.68 2.19
N GLU L 52 -3.84 -7.22 2.46
CA GLU L 52 -3.11 -7.86 3.56
C GLU L 52 -3.12 -6.98 4.83
N VAL L 53 -3.13 -7.62 5.99
CA VAL L 53 -3.16 -6.89 7.28
C VAL L 53 -1.78 -6.40 7.66
N VAL L 54 -1.73 -5.29 8.40
CA VAL L 54 -0.45 -4.68 8.80
C VAL L 54 -0.21 -4.57 10.31
N ARG L 55 -1.24 -4.23 11.08
CA ARG L 55 -1.14 -4.10 12.54
C ARG L 55 -2.47 -4.41 13.21
N LYS L 56 -2.73 -3.77 14.35
CA LYS L 56 -3.98 -3.94 15.08
C LYS L 56 -4.06 -2.89 16.17
N VAL L 57 -5.28 -2.62 16.66
CA VAL L 57 -5.52 -1.64 17.73
C VAL L 57 -6.95 -1.73 18.28
N GLY L 58 -7.05 -1.95 19.59
CA GLY L 58 -8.35 -2.05 20.24
C GLY L 58 -9.31 -0.98 19.78
N SER L 59 -8.78 0.21 19.49
CA SER L 59 -9.61 1.32 19.05
C SER L 59 -8.79 2.52 18.63
N VAL L 60 -9.36 3.32 17.74
CA VAL L 60 -8.71 4.53 17.23
C VAL L 60 -9.71 5.65 17.05
N VAL L 61 -9.18 6.86 17.15
CA VAL L 61 -9.96 8.07 16.95
C VAL L 61 -9.28 8.75 15.77
N ILE L 62 -9.99 8.76 14.64
CA ILE L 62 -9.48 9.34 13.38
C ILE L 62 -9.98 10.76 13.08
N ARG L 63 -9.07 11.68 12.79
CA ARG L 63 -9.45 13.06 12.44
C ARG L 63 -10.12 13.04 11.05
N GLY L 64 -11.31 13.64 10.97
CA GLY L 64 -12.06 13.70 9.73
C GLY L 64 -11.32 14.37 8.60
N ASP L 65 -10.64 15.46 8.90
CA ASP L 65 -9.87 16.18 7.89
C ASP L 65 -9.02 15.20 7.06
N THR L 66 -8.73 14.04 7.65
CA THR L 66 -7.91 12.97 7.07
C THR L 66 -8.64 11.95 6.19
N VAL L 67 -9.95 11.83 6.36
CA VAL L 67 -10.74 10.86 5.59
C VAL L 67 -11.01 11.21 4.13
N VAL L 68 -11.07 10.17 3.31
CA VAL L 68 -11.37 10.31 1.91
C VAL L 68 -12.72 9.65 1.78
N PHE L 69 -12.87 8.45 2.34
CA PHE L 69 -14.16 7.80 2.26
C PHE L 69 -14.37 6.70 3.30
N VAL L 70 -15.62 6.30 3.47
CA VAL L 70 -15.97 5.27 4.42
C VAL L 70 -16.97 4.38 3.74
N SER L 71 -16.69 3.10 3.66
CA SER L 71 -17.60 2.20 2.98
C SER L 71 -17.97 1.04 3.87
N PRO L 72 -19.26 0.67 3.91
CA PRO L 72 -19.65 -0.46 4.75
C PRO L 72 -18.96 -1.66 4.13
N ALA L 73 -18.41 -2.56 4.94
CA ALA L 73 -17.72 -3.71 4.36
C ALA L 73 -18.13 -5.08 4.85
N PRO L 74 -18.77 -5.88 3.99
CA PRO L 74 -19.20 -7.23 4.35
C PRO L 74 -18.10 -8.27 4.09
N PRO M 3 -29.51 29.73 -10.73
CA PRO M 3 -28.04 29.78 -10.60
C PRO M 3 -27.56 29.18 -9.26
N ARG M 4 -27.60 27.86 -9.14
CA ARG M 4 -27.17 27.20 -7.90
C ARG M 4 -26.60 25.78 -8.14
N PRO M 5 -25.26 25.62 -8.03
CA PRO M 5 -24.59 24.32 -8.22
C PRO M 5 -25.22 23.17 -7.46
N LEU M 6 -25.63 23.42 -6.21
CA LEU M 6 -26.26 22.39 -5.40
C LEU M 6 -27.62 21.94 -5.96
N ASP M 7 -28.23 22.77 -6.81
CA ASP M 7 -29.54 22.44 -7.39
C ASP M 7 -29.32 21.49 -8.54
N VAL M 8 -28.17 21.59 -9.20
CA VAL M 8 -27.85 20.71 -10.33
C VAL M 8 -27.59 19.29 -9.83
N LEU M 9 -26.92 19.19 -8.69
CA LEU M 9 -26.65 17.89 -8.10
C LEU M 9 -27.96 17.17 -7.83
N ASN M 10 -28.89 17.90 -7.23
CA ASN M 10 -30.20 17.35 -6.90
C ASN M 10 -30.93 16.80 -8.11
N ARG M 11 -30.82 17.52 -9.22
CA ARG M 11 -31.48 17.09 -10.44
C ARG M 11 -30.83 15.82 -10.99
N SER M 12 -29.83 15.30 -10.27
CA SER M 12 -29.13 14.10 -10.71
C SER M 12 -29.23 12.93 -9.73
N LEU M 13 -30.00 13.10 -8.66
CA LEU M 13 -30.17 12.05 -7.67
C LEU M 13 -30.72 10.80 -8.33
N LYS M 14 -30.39 9.64 -7.76
CA LYS M 14 -30.85 8.37 -8.27
C LYS M 14 -30.38 8.05 -9.69
N SER M 15 -29.44 8.83 -10.21
CA SER M 15 -28.90 8.61 -11.55
C SER M 15 -27.39 8.39 -11.46
N PRO M 16 -26.79 7.77 -12.49
CA PRO M 16 -25.36 7.51 -12.49
C PRO M 16 -24.50 8.77 -12.67
N VAL M 17 -23.40 8.85 -11.91
CA VAL M 17 -22.50 9.99 -11.98
C VAL M 17 -21.03 9.59 -12.01
N ILE M 18 -20.18 10.61 -12.09
CA ILE M 18 -18.74 10.43 -12.12
C ILE M 18 -18.15 11.43 -11.14
N VAL M 19 -17.50 10.92 -10.09
CA VAL M 19 -16.88 11.82 -9.12
C VAL M 19 -15.38 11.70 -9.25
N ARG M 20 -14.69 12.83 -9.24
CA ARG M 20 -13.25 12.84 -9.36
C ARG M 20 -12.65 13.41 -8.11
N LEU M 21 -11.67 12.70 -7.53
CA LEU M 21 -11.04 13.14 -6.29
C LEU M 21 -9.64 13.70 -6.51
N LYS M 22 -9.19 14.55 -5.58
CA LYS M 22 -7.83 15.10 -5.67
C LYS M 22 -6.83 13.92 -5.77
N GLY M 23 -5.77 14.10 -6.54
CA GLY M 23 -4.81 13.02 -6.70
C GLY M 23 -4.97 12.38 -8.05
N GLY M 24 -6.06 11.63 -8.23
CA GLY M 24 -6.28 11.02 -9.53
C GLY M 24 -7.39 10.00 -9.59
N ARG M 25 -7.85 9.52 -8.44
CA ARG M 25 -8.92 8.52 -8.42
C ARG M 25 -10.30 9.06 -8.78
N GLU M 26 -11.16 8.20 -9.32
CA GLU M 26 -12.50 8.60 -9.69
C GLU M 26 -13.51 7.52 -9.33
N PHE M 27 -14.70 7.92 -8.90
CA PHE M 27 -15.74 6.94 -8.60
C PHE M 27 -16.82 6.96 -9.68
N ARG M 28 -17.56 5.87 -9.81
CA ARG M 28 -18.62 5.71 -10.79
C ARG M 28 -19.77 5.03 -10.08
N GLY M 29 -20.87 5.75 -9.89
CA GLY M 29 -22.00 5.15 -9.23
C GLY M 29 -23.20 6.06 -9.17
N THR M 30 -24.28 5.56 -8.58
CA THR M 30 -25.52 6.30 -8.47
C THR M 30 -25.51 7.36 -7.38
N LEU M 31 -25.66 8.61 -7.76
CA LEU M 31 -25.71 9.69 -6.78
C LEU M 31 -26.94 9.46 -5.93
N ASP M 32 -26.75 9.05 -4.67
CA ASP M 32 -27.89 8.79 -3.82
C ASP M 32 -28.15 9.90 -2.82
N GLY M 33 -27.19 10.79 -2.60
CA GLY M 33 -27.40 11.88 -1.66
C GLY M 33 -26.19 12.80 -1.51
N TYR M 34 -26.39 13.97 -0.90
CA TYR M 34 -25.33 14.97 -0.71
C TYR M 34 -25.70 15.99 0.37
N ASP M 35 -24.80 16.95 0.65
CA ASP M 35 -25.04 17.99 1.66
C ASP M 35 -24.18 19.27 1.49
N ILE M 36 -24.51 20.30 2.27
CA ILE M 36 -23.83 21.60 2.23
C ILE M 36 -22.34 21.59 1.89
N HIS M 37 -21.56 20.76 2.60
CA HIS M 37 -20.12 20.69 2.39
C HIS M 37 -19.81 20.02 1.07
N MET M 38 -20.81 19.30 0.57
CA MET M 38 -20.77 18.57 -0.69
C MET M 38 -20.29 17.14 -0.51
N ASN M 39 -20.57 16.57 0.65
CA ASN M 39 -20.21 15.19 0.92
C ASN M 39 -21.18 14.42 0.04
N LEU M 40 -20.75 13.31 -0.53
CA LEU M 40 -21.63 12.54 -1.40
C LEU M 40 -21.93 11.16 -0.84
N VAL M 41 -22.83 10.46 -1.49
CA VAL M 41 -23.20 9.09 -1.11
C VAL M 41 -23.52 8.44 -2.41
N LEU M 42 -22.77 7.41 -2.79
CA LEU M 42 -23.02 6.72 -4.05
C LEU M 42 -23.42 5.29 -3.78
N LEU M 43 -24.22 4.74 -4.67
CA LEU M 43 -24.65 3.37 -4.51
C LEU M 43 -24.05 2.57 -5.66
N ASP M 44 -23.76 1.29 -5.40
CA ASP M 44 -23.17 0.36 -6.36
C ASP M 44 -22.13 1.05 -7.25
N ALA M 45 -21.05 1.54 -6.64
CA ALA M 45 -19.99 2.25 -7.34
C ALA M 45 -18.66 1.51 -7.46
N GLU M 46 -17.83 1.97 -8.40
CA GLU M 46 -16.55 1.36 -8.65
C GLU M 46 -15.52 2.45 -8.45
N GLU M 47 -14.31 2.09 -8.03
CA GLU M 47 -13.22 3.06 -7.84
C GLU M 47 -12.30 2.86 -9.03
N ILE M 48 -12.19 3.86 -9.90
CA ILE M 48 -11.37 3.76 -11.11
C ILE M 48 -10.05 4.52 -10.99
N GLN M 49 -8.97 3.87 -11.40
CA GLN M 49 -7.65 4.49 -11.35
C GLN M 49 -7.09 4.38 -12.75
N ASN M 50 -6.78 5.54 -13.32
CA ASN M 50 -6.25 5.65 -14.67
C ASN M 50 -6.71 4.55 -15.62
N GLY M 51 -7.99 4.18 -15.53
CA GLY M 51 -8.49 3.16 -16.41
C GLY M 51 -9.04 1.89 -15.84
N GLU M 52 -8.37 1.27 -14.88
CA GLU M 52 -8.92 0.02 -14.38
C GLU M 52 -9.68 0.17 -13.07
N VAL M 53 -10.56 -0.79 -12.79
CA VAL M 53 -11.40 -0.81 -11.59
C VAL M 53 -10.64 -1.37 -10.39
N VAL M 54 -10.17 -0.48 -9.51
CA VAL M 54 -9.42 -0.92 -8.34
C VAL M 54 -10.26 -1.29 -7.12
N ARG M 55 -11.54 -1.63 -7.35
CA ARG M 55 -12.43 -2.04 -6.28
C ARG M 55 -13.89 -1.60 -6.48
N LYS M 56 -14.81 -2.42 -5.98
CA LYS M 56 -16.26 -2.17 -6.06
C LYS M 56 -16.81 -2.05 -4.64
N VAL M 57 -17.94 -1.36 -4.51
CA VAL M 57 -18.58 -1.18 -3.21
C VAL M 57 -20.08 -0.91 -3.34
N GLY M 58 -20.86 -1.57 -2.47
CA GLY M 58 -22.29 -1.40 -2.48
C GLY M 58 -22.65 0.06 -2.22
N SER M 59 -21.80 0.76 -1.50
CA SER M 59 -22.02 2.17 -1.19
C SER M 59 -20.82 2.80 -0.50
N VAL M 60 -20.71 4.12 -0.60
CA VAL M 60 -19.62 4.85 0.02
C VAL M 60 -20.06 6.25 0.34
N VAL M 61 -19.36 6.87 1.30
CA VAL M 61 -19.63 8.23 1.72
C VAL M 61 -18.32 8.96 1.48
N ILE M 62 -18.36 9.99 0.67
CA ILE M 62 -17.17 10.74 0.29
C ILE M 62 -17.04 12.11 0.92
N ARG M 63 -15.95 12.35 1.62
CA ARG M 63 -15.75 13.66 2.22
C ARG M 63 -15.71 14.65 1.06
N GLY M 64 -16.50 15.70 1.17
CA GLY M 64 -16.54 16.70 0.12
C GLY M 64 -15.19 17.30 -0.17
N ASP M 65 -14.46 17.68 0.89
CA ASP M 65 -13.12 18.29 0.81
C ASP M 65 -12.14 17.51 -0.09
N THR M 66 -12.57 16.34 -0.54
CA THR M 66 -11.75 15.47 -1.40
C THR M 66 -12.23 15.49 -2.87
N VAL M 67 -13.35 16.17 -3.12
CA VAL M 67 -13.92 16.23 -4.47
C VAL M 67 -13.44 17.37 -5.37
N VAL M 68 -13.26 17.07 -6.66
CA VAL M 68 -12.87 18.10 -7.63
C VAL M 68 -14.13 18.45 -8.43
N PHE M 69 -14.77 17.44 -9.02
CA PHE M 69 -15.99 17.72 -9.77
C PHE M 69 -16.94 16.53 -9.89
N VAL M 70 -18.22 16.82 -10.05
CA VAL M 70 -19.22 15.77 -10.21
C VAL M 70 -19.87 15.95 -11.59
N SER M 71 -19.95 14.88 -12.35
CA SER M 71 -20.52 14.97 -13.68
C SER M 71 -21.48 13.85 -13.99
N PRO M 72 -22.59 14.18 -14.69
CA PRO M 72 -23.53 13.12 -15.02
C PRO M 72 -22.93 12.17 -16.04
N ALA M 73 -23.13 10.87 -15.84
CA ALA M 73 -22.60 9.87 -16.75
C ALA M 73 -23.15 10.17 -18.15
N PRO M 74 -22.60 9.53 -19.19
CA PRO M 74 -23.06 9.77 -20.57
C PRO M 74 -24.58 9.94 -20.68
N PRO N 3 -15.85 46.54 -8.21
CA PRO N 3 -15.69 46.24 -6.77
C PRO N 3 -16.58 45.15 -6.20
N ARG N 4 -16.43 43.94 -6.74
CA ARG N 4 -17.17 42.75 -6.31
C ARG N 4 -16.97 41.62 -7.33
N PRO N 5 -15.97 40.74 -7.11
CA PRO N 5 -15.63 39.60 -7.97
C PRO N 5 -16.81 38.75 -8.42
N LEU N 6 -17.74 38.48 -7.50
CA LEU N 6 -18.91 37.69 -7.85
C LEU N 6 -19.78 38.40 -8.88
N ASP N 7 -19.70 39.72 -8.90
CA ASP N 7 -20.49 40.48 -9.86
C ASP N 7 -19.98 40.22 -11.27
N VAL N 8 -18.66 40.15 -11.44
CA VAL N 8 -18.08 39.89 -12.75
C VAL N 8 -18.47 38.51 -13.27
N LEU N 9 -18.63 37.56 -12.36
CA LEU N 9 -19.00 36.21 -12.75
C LEU N 9 -20.42 36.14 -13.29
N ASN N 10 -21.34 36.83 -12.60
CA ASN N 10 -22.75 36.87 -12.99
C ASN N 10 -22.92 37.46 -14.38
N ARG N 11 -22.19 38.54 -14.63
CA ARG N 11 -22.20 39.23 -15.92
C ARG N 11 -21.55 38.33 -16.96
N SER N 12 -21.54 37.02 -16.70
CA SER N 12 -20.95 36.04 -17.61
C SER N 12 -21.80 34.80 -17.66
N LEU N 13 -22.91 34.80 -16.94
CA LEU N 13 -23.79 33.64 -16.98
C LEU N 13 -24.22 33.41 -18.41
N LYS N 14 -24.37 32.15 -18.79
CA LYS N 14 -24.79 31.78 -20.14
C LYS N 14 -23.78 32.11 -21.25
N SER N 15 -22.61 32.59 -20.86
CA SER N 15 -21.57 32.89 -21.84
C SER N 15 -20.46 31.85 -21.69
N PRO N 16 -19.63 31.66 -22.73
CA PRO N 16 -18.54 30.68 -22.67
C PRO N 16 -17.40 31.19 -21.80
N VAL N 17 -16.75 30.27 -21.08
CA VAL N 17 -15.64 30.66 -20.21
C VAL N 17 -14.59 29.57 -20.10
N ILE N 18 -13.51 29.90 -19.41
CA ILE N 18 -12.42 28.97 -19.18
C ILE N 18 -12.10 28.92 -17.69
N VAL N 19 -12.24 27.74 -17.11
CA VAL N 19 -11.96 27.58 -15.68
C VAL N 19 -10.65 26.83 -15.47
N ARG N 20 -9.64 27.52 -14.96
CA ARG N 20 -8.36 26.87 -14.68
C ARG N 20 -8.37 26.30 -13.25
N LEU N 21 -8.05 25.03 -13.11
CA LEU N 21 -8.04 24.37 -11.82
C LEU N 21 -6.66 24.20 -11.19
N LYS N 22 -6.62 23.89 -9.90
CA LYS N 22 -5.34 23.63 -9.22
C LYS N 22 -4.85 22.37 -9.90
N GLY N 23 -3.54 22.21 -9.98
CA GLY N 23 -3.01 21.02 -10.62
C GLY N 23 -2.55 21.22 -12.06
N GLY N 24 -3.30 22.00 -12.83
CA GLY N 24 -2.91 22.26 -14.20
C GLY N 24 -3.93 21.97 -15.29
N ARG N 25 -5.10 21.43 -14.92
CA ARG N 25 -6.13 21.12 -15.92
C ARG N 25 -7.09 22.30 -16.08
N GLU N 26 -7.86 22.28 -17.16
CA GLU N 26 -8.78 23.37 -17.44
C GLU N 26 -10.09 22.93 -18.05
N PHE N 27 -11.16 23.62 -17.69
CA PHE N 27 -12.48 23.36 -18.24
C PHE N 27 -12.93 24.52 -19.12
N ARG N 28 -13.58 24.16 -20.22
CA ARG N 28 -14.13 25.16 -21.13
C ARG N 28 -15.60 24.86 -21.26
N GLY N 29 -16.44 25.89 -21.16
CA GLY N 29 -17.86 25.64 -21.28
C GLY N 29 -18.72 26.84 -20.94
N THR N 30 -20.02 26.62 -20.81
CA THR N 30 -20.91 27.71 -20.51
C THR N 30 -21.15 27.88 -19.01
N LEU N 31 -20.88 29.08 -18.49
CA LEU N 31 -21.08 29.35 -17.08
C LEU N 31 -22.55 29.42 -16.78
N ASP N 32 -23.13 28.29 -16.35
CA ASP N 32 -24.55 28.23 -16.05
C ASP N 32 -24.90 28.50 -14.58
N GLY N 33 -23.92 28.87 -13.76
CA GLY N 33 -24.21 29.13 -12.36
C GLY N 33 -23.02 29.10 -11.41
N TYR N 34 -23.25 29.56 -10.18
CA TYR N 34 -22.21 29.61 -9.16
C TYR N 34 -22.84 30.00 -7.82
N ASP N 35 -22.02 30.16 -6.79
CA ASP N 35 -22.50 30.54 -5.47
C ASP N 35 -21.47 31.30 -4.62
N ILE N 36 -21.70 31.36 -3.32
CA ILE N 36 -20.80 32.07 -2.42
C ILE N 36 -19.45 31.35 -2.24
N HIS N 37 -19.46 30.03 -2.21
CA HIS N 37 -18.25 29.24 -2.04
C HIS N 37 -17.54 29.06 -3.39
N MET N 38 -17.89 29.94 -4.33
CA MET N 38 -17.38 29.94 -5.70
C MET N 38 -17.44 28.60 -6.46
N ASN N 39 -18.48 27.82 -6.20
CA ASN N 39 -18.65 26.57 -6.92
C ASN N 39 -19.07 26.99 -8.32
N LEU N 40 -19.17 26.05 -9.24
CA LEU N 40 -19.55 26.44 -10.58
C LEU N 40 -20.29 25.32 -11.26
N VAL N 41 -21.04 25.68 -12.30
CA VAL N 41 -21.74 24.70 -13.10
C VAL N 41 -21.43 25.10 -14.52
N LEU N 42 -21.02 24.15 -15.35
CA LEU N 42 -20.72 24.45 -16.74
C LEU N 42 -21.51 23.48 -17.61
N LEU N 43 -21.99 23.97 -18.74
CA LEU N 43 -22.75 23.15 -19.68
C LEU N 43 -21.93 22.88 -20.93
N ASP N 44 -22.16 21.72 -21.53
CA ASP N 44 -21.45 21.30 -22.75
C ASP N 44 -20.04 21.80 -22.65
N ALA N 45 -19.26 21.15 -21.80
CA ALA N 45 -17.87 21.54 -21.56
C ALA N 45 -16.83 20.46 -21.91
N GLU N 46 -15.58 20.90 -21.97
CA GLU N 46 -14.47 20.01 -22.28
C GLU N 46 -13.37 20.13 -21.24
N GLU N 47 -12.73 19.00 -20.94
CA GLU N 47 -11.62 18.98 -20.00
C GLU N 47 -10.33 19.12 -20.83
N ILE N 48 -9.58 20.19 -20.60
CA ILE N 48 -8.36 20.45 -21.35
C ILE N 48 -7.05 20.29 -20.56
N GLN N 49 -6.14 19.47 -21.08
CA GLN N 49 -4.85 19.25 -20.43
C GLN N 49 -3.69 19.37 -21.42
N ASN N 50 -2.93 20.45 -21.32
CA ASN N 50 -1.79 20.65 -22.21
C ASN N 50 -2.30 20.69 -23.63
N GLY N 51 -3.21 21.60 -23.90
CA GLY N 51 -3.74 21.72 -25.25
C GLY N 51 -4.76 20.68 -25.69
N GLU N 52 -4.48 19.39 -25.52
CA GLU N 52 -5.45 18.37 -25.95
C GLU N 52 -6.71 18.24 -25.10
N VAL N 53 -7.56 17.27 -25.44
CA VAL N 53 -8.81 17.07 -24.73
C VAL N 53 -8.88 15.73 -23.99
N VAL N 54 -9.15 15.81 -22.69
CA VAL N 54 -9.26 14.61 -21.87
C VAL N 54 -10.63 13.97 -22.14
N ARG N 55 -11.66 14.80 -22.27
CA ARG N 55 -13.01 14.32 -22.54
C ARG N 55 -14.11 15.40 -22.57
N LYS N 56 -15.33 14.96 -22.83
CA LYS N 56 -16.49 15.83 -22.92
C LYS N 56 -17.60 15.42 -21.97
N VAL N 57 -18.42 16.39 -21.57
CA VAL N 57 -19.52 16.14 -20.66
C VAL N 57 -20.65 17.14 -20.87
N GLY N 58 -21.88 16.67 -20.63
CA GLY N 58 -23.03 17.55 -20.77
C GLY N 58 -22.92 18.67 -19.77
N SER N 59 -22.41 18.36 -18.58
CA SER N 59 -22.28 19.36 -17.53
C SER N 59 -21.45 18.87 -16.35
N VAL N 60 -20.95 19.84 -15.57
CA VAL N 60 -20.16 19.55 -14.38
C VAL N 60 -20.30 20.58 -13.27
N VAL N 61 -20.29 20.06 -12.05
CA VAL N 61 -20.34 20.88 -10.86
C VAL N 61 -18.88 20.86 -10.36
N ILE N 62 -18.26 22.03 -10.29
CA ILE N 62 -16.87 22.18 -9.85
C ILE N 62 -16.74 22.79 -8.43
N ARG N 63 -16.09 22.07 -7.52
CA ARG N 63 -15.90 22.56 -6.15
C ARG N 63 -15.10 23.82 -6.20
N GLY N 64 -15.58 24.85 -5.49
CA GLY N 64 -14.89 26.13 -5.49
C GLY N 64 -13.46 26.09 -5.02
N ASP N 65 -13.21 25.27 -3.99
CA ASP N 65 -11.91 25.07 -3.38
C ASP N 65 -10.85 24.61 -4.40
N THR N 66 -11.31 24.16 -5.57
CA THR N 66 -10.43 23.67 -6.64
C THR N 66 -10.09 24.72 -7.72
N VAL N 67 -10.75 25.87 -7.70
CA VAL N 67 -10.52 26.87 -8.74
C VAL N 67 -9.39 27.84 -8.48
N VAL N 68 -8.73 28.25 -9.56
CA VAL N 68 -7.65 29.22 -9.46
C VAL N 68 -8.24 30.51 -10.04
N PHE N 69 -8.67 30.45 -11.29
CA PHE N 69 -9.30 31.60 -11.94
C PHE N 69 -10.31 31.21 -13.00
N VAL N 70 -11.22 32.14 -13.28
CA VAL N 70 -12.27 31.97 -14.29
C VAL N 70 -12.18 33.18 -15.24
N SER N 71 -11.95 32.92 -16.52
CA SER N 71 -11.81 33.98 -17.51
C SER N 71 -12.74 33.80 -18.72
N PRO N 72 -13.24 34.94 -19.28
CA PRO N 72 -14.11 34.96 -20.45
C PRO N 72 -13.27 34.64 -21.69
N ALA N 73 -12.44 35.59 -22.16
CA ALA N 73 -11.61 35.33 -23.37
C ALA N 73 -12.58 35.01 -24.53
N PRO N 74 -12.66 35.90 -25.56
CA PRO N 74 -13.49 35.91 -26.76
C PRO N 74 -14.64 35.00 -26.44
N PRO O 2 -1.08 54.66 9.15
CA PRO O 2 -0.87 53.25 8.76
C PRO O 2 -2.17 52.54 8.42
N PRO O 3 -2.45 52.39 7.12
CA PRO O 3 -3.64 51.75 6.54
C PRO O 3 -3.61 50.23 6.64
N ARG O 4 -4.78 49.62 6.65
CA ARG O 4 -4.86 48.17 6.74
C ARG O 4 -4.60 47.58 5.35
N PRO O 5 -4.29 46.27 5.29
CA PRO O 5 -4.04 45.68 3.97
C PRO O 5 -5.14 45.98 2.96
N LEU O 6 -6.37 45.62 3.29
CA LEU O 6 -7.46 45.86 2.37
C LEU O 6 -7.55 47.30 1.89
N ASP O 7 -7.27 48.25 2.77
CA ASP O 7 -7.33 49.65 2.36
C ASP O 7 -6.31 49.99 1.28
N VAL O 8 -5.17 49.30 1.29
CA VAL O 8 -4.13 49.56 0.28
C VAL O 8 -4.54 49.06 -1.10
N LEU O 9 -5.28 47.95 -1.13
CA LEU O 9 -5.75 47.41 -2.39
C LEU O 9 -6.71 48.42 -2.97
N ASN O 10 -7.68 48.84 -2.18
CA ASN O 10 -8.65 49.81 -2.65
C ASN O 10 -7.98 51.04 -3.21
N ARG O 11 -6.88 51.43 -2.57
CA ARG O 11 -6.15 52.62 -2.99
C ARG O 11 -5.43 52.39 -4.30
N SER O 12 -5.63 51.22 -4.90
CA SER O 12 -4.97 50.89 -6.15
C SER O 12 -5.98 50.43 -7.19
N LEU O 13 -7.25 50.70 -6.96
CA LEU O 13 -8.27 50.31 -7.91
C LEU O 13 -8.03 51.02 -9.25
N LYS O 14 -8.61 50.48 -10.32
CA LYS O 14 -8.47 51.07 -11.64
C LYS O 14 -7.03 51.37 -12.09
N SER O 15 -6.03 50.90 -11.35
CA SER O 15 -4.64 51.11 -11.72
C SER O 15 -3.99 49.75 -11.97
N PRO O 16 -2.79 49.72 -12.60
CA PRO O 16 -2.12 48.43 -12.88
C PRO O 16 -1.45 47.81 -11.66
N VAL O 17 -1.44 46.49 -11.62
CA VAL O 17 -0.81 45.77 -10.51
C VAL O 17 -0.25 44.43 -10.97
N ILE O 18 0.47 43.78 -10.06
CA ILE O 18 1.04 42.48 -10.34
C ILE O 18 0.58 41.53 -9.24
N VAL O 19 0.30 40.30 -9.60
CA VAL O 19 -0.18 39.32 -8.66
C VAL O 19 0.50 37.98 -8.81
N ARG O 20 1.25 37.56 -7.79
CA ARG O 20 1.93 36.27 -7.85
C ARG O 20 1.01 35.24 -7.19
N LEU O 21 0.83 34.10 -7.85
CA LEU O 21 -0.03 33.04 -7.33
C LEU O 21 0.79 31.87 -6.79
N LYS O 22 0.15 30.99 -6.03
CA LYS O 22 0.82 29.83 -5.47
C LYS O 22 1.24 28.85 -6.56
N GLY O 23 2.52 28.86 -6.89
CA GLY O 23 3.02 27.97 -7.93
C GLY O 23 4.07 28.74 -8.70
N GLY O 24 3.93 30.05 -8.72
CA GLY O 24 4.88 30.89 -9.41
C GLY O 24 4.29 31.70 -10.54
N ARG O 25 3.07 31.37 -10.97
CA ARG O 25 2.46 32.11 -12.06
C ARG O 25 2.14 33.55 -11.64
N GLU O 26 2.29 34.49 -12.56
CA GLU O 26 2.03 35.89 -12.28
C GLU O 26 1.13 36.54 -13.36
N PHE O 27 0.33 37.52 -12.93
CA PHE O 27 -0.57 38.27 -13.82
C PHE O 27 -0.29 39.76 -13.74
N ARG O 28 -0.30 40.42 -14.88
CA ARG O 28 -0.08 41.85 -14.94
C ARG O 28 -1.51 42.32 -15.25
N GLY O 29 -2.01 43.33 -14.56
CA GLY O 29 -3.37 43.74 -14.86
C GLY O 29 -3.88 44.97 -14.17
N THR O 30 -5.15 45.29 -14.45
CA THR O 30 -5.78 46.46 -13.86
C THR O 30 -6.68 45.93 -12.76
N LEU O 31 -6.48 46.43 -11.54
CA LEU O 31 -7.24 46.01 -10.38
C LEU O 31 -8.66 46.56 -10.39
N ASP O 32 -9.59 45.77 -10.88
CA ASP O 32 -10.98 46.20 -10.97
C ASP O 32 -11.83 45.93 -9.71
N GLY O 33 -11.54 44.84 -9.00
CA GLY O 33 -12.33 44.56 -7.81
C GLY O 33 -11.71 43.61 -6.80
N TYR O 34 -12.40 43.42 -5.68
CA TYR O 34 -11.90 42.55 -4.63
C TYR O 34 -12.90 42.42 -3.48
N ASP O 35 -12.80 41.32 -2.72
CA ASP O 35 -13.67 41.07 -1.58
C ASP O 35 -12.88 40.76 -0.30
N ILE O 36 -13.60 40.56 0.80
CA ILE O 36 -13.00 40.27 2.11
C ILE O 36 -12.09 39.01 2.03
N HIS O 37 -12.46 38.05 1.18
CA HIS O 37 -11.70 36.81 0.99
C HIS O 37 -10.49 37.08 0.09
N MET O 38 -10.35 38.31 -0.35
CA MET O 38 -9.28 38.72 -1.23
C MET O 38 -9.33 38.10 -2.64
N ASN O 39 -10.52 37.66 -3.07
CA ASN O 39 -10.68 37.14 -4.42
C ASN O 39 -10.45 38.41 -5.23
N LEU O 40 -9.80 38.32 -6.38
CA LEU O 40 -9.56 39.54 -7.18
C LEU O 40 -10.13 39.48 -8.59
N VAL O 41 -10.24 40.67 -9.19
CA VAL O 41 -10.68 40.81 -10.57
C VAL O 41 -9.66 41.69 -11.26
N LEU O 42 -9.29 41.33 -12.47
CA LEU O 42 -8.32 42.10 -13.25
C LEU O 42 -8.88 42.29 -14.66
N LEU O 43 -8.57 43.42 -15.29
CA LEU O 43 -9.05 43.69 -16.65
C LEU O 43 -7.84 43.84 -17.59
N ASP O 44 -7.97 43.32 -18.81
CA ASP O 44 -6.88 43.37 -19.79
C ASP O 44 -5.63 42.89 -19.08
N ALA O 45 -5.55 41.58 -18.85
CA ALA O 45 -4.41 41.02 -18.14
C ALA O 45 -3.57 40.02 -18.92
N GLU O 46 -2.30 39.91 -18.55
CA GLU O 46 -1.36 39.00 -19.20
C GLU O 46 -0.77 38.01 -18.18
N GLU O 47 -0.51 36.77 -18.62
CA GLU O 47 0.06 35.75 -17.76
C GLU O 47 1.58 35.84 -17.94
N ILE O 48 2.31 36.18 -16.87
CA ILE O 48 3.77 36.36 -16.94
C ILE O 48 4.74 35.29 -16.42
N GLN O 49 5.99 35.42 -16.88
CA GLN O 49 7.11 34.56 -16.50
C GLN O 49 8.41 35.36 -16.48
N ASN O 50 8.93 35.65 -15.28
CA ASN O 50 10.16 36.43 -15.11
C ASN O 50 10.14 37.75 -15.86
N GLY O 51 9.11 38.56 -15.62
CA GLY O 51 9.00 39.84 -16.31
C GLY O 51 9.12 39.64 -17.81
N GLU O 52 8.12 38.98 -18.38
CA GLU O 52 8.08 38.72 -19.82
C GLU O 52 6.74 38.09 -20.17
N VAL O 53 6.05 38.71 -21.12
CA VAL O 53 4.72 38.31 -21.57
C VAL O 53 4.55 36.91 -22.14
N VAL O 54 3.31 36.42 -22.08
CA VAL O 54 2.99 35.10 -22.60
C VAL O 54 1.57 35.07 -23.16
N ARG O 55 0.57 34.88 -22.32
CA ARG O 55 -0.80 34.82 -22.79
C ARG O 55 -1.61 36.08 -22.48
N LYS O 56 -2.94 36.03 -22.67
CA LYS O 56 -3.80 37.19 -22.41
C LYS O 56 -5.28 36.85 -22.23
N VAL O 57 -5.98 37.69 -21.46
CA VAL O 57 -7.42 37.52 -21.24
C VAL O 57 -8.04 38.87 -20.90
N GLY O 58 -9.20 39.14 -21.48
CA GLY O 58 -9.88 40.41 -21.26
C GLY O 58 -10.07 40.68 -19.78
N SER O 59 -10.32 39.63 -19.03
CA SER O 59 -10.53 39.74 -17.60
C SER O 59 -10.39 38.39 -16.92
N VAL O 60 -10.15 38.43 -15.61
CA VAL O 60 -10.00 37.22 -14.80
C VAL O 60 -10.50 37.44 -13.39
N VAL O 61 -10.96 36.35 -12.80
CA VAL O 61 -11.44 36.36 -11.43
C VAL O 61 -10.54 35.35 -10.73
N ILE O 62 -9.76 35.84 -9.76
CA ILE O 62 -8.79 35.02 -9.03
C ILE O 62 -9.19 34.65 -7.60
N ARG O 63 -9.37 33.35 -7.34
CA ARG O 63 -9.72 32.88 -6.00
C ARG O 63 -8.64 33.34 -5.02
N GLY O 64 -9.03 34.12 -4.02
CA GLY O 64 -8.09 34.63 -3.03
C GLY O 64 -7.18 33.58 -2.43
N ASP O 65 -7.73 32.38 -2.29
CA ASP O 65 -7.01 31.26 -1.74
C ASP O 65 -5.71 31.01 -2.53
N THR O 66 -5.67 31.50 -3.76
CA THR O 66 -4.54 31.30 -4.67
C THR O 66 -3.45 32.37 -4.64
N VAL O 67 -3.78 33.56 -4.18
CA VAL O 67 -2.84 34.69 -4.14
C VAL O 67 -1.72 34.62 -3.07
N VAL O 68 -0.51 35.02 -3.46
CA VAL O 68 0.59 35.06 -2.51
C VAL O 68 0.76 36.54 -2.21
N PHE O 69 0.90 37.35 -3.25
CA PHE O 69 1.02 38.81 -3.04
C PHE O 69 0.54 39.71 -4.18
N VAL O 70 0.16 40.94 -3.83
CA VAL O 70 -0.33 41.91 -4.81
C VAL O 70 0.50 43.17 -4.66
N SER O 71 1.09 43.62 -5.75
CA SER O 71 1.91 44.82 -5.69
C SER O 71 1.65 45.74 -6.87
N PRO O 72 1.64 47.06 -6.63
CA PRO O 72 1.42 48.08 -7.67
C PRO O 72 2.52 48.08 -8.72
N ALA O 73 2.12 48.01 -10.00
CA ALA O 73 3.08 47.98 -11.12
C ALA O 73 3.09 49.23 -12.01
N PRO P 3 3.02 40.32 25.31
CA PRO P 3 2.53 38.93 25.56
C PRO P 3 1.27 38.62 24.77
N ARG P 4 1.28 39.03 23.50
CA ARG P 4 0.17 38.82 22.55
C ARG P 4 0.77 39.07 21.15
N PRO P 5 0.90 38.00 20.34
CA PRO P 5 1.47 38.04 18.97
C PRO P 5 1.13 39.27 18.12
N LEU P 6 -0.15 39.51 17.86
CA LEU P 6 -0.54 40.67 17.07
C LEU P 6 0.00 41.97 17.66
N ASP P 7 0.05 42.07 18.98
CA ASP P 7 0.56 43.29 19.61
C ASP P 7 2.03 43.51 19.27
N VAL P 8 2.80 42.42 19.17
CA VAL P 8 4.22 42.55 18.85
C VAL P 8 4.38 43.12 17.44
N LEU P 9 3.50 42.73 16.53
CA LEU P 9 3.53 43.26 15.17
C LEU P 9 3.31 44.75 15.27
N ASN P 10 2.26 45.14 15.99
CA ASN P 10 1.91 46.54 16.18
C ASN P 10 3.10 47.35 16.63
N ARG P 11 3.84 46.80 17.60
CA ARG P 11 5.03 47.45 18.16
C ARG P 11 6.15 47.57 17.14
N SER P 12 5.93 47.02 15.94
CA SER P 12 6.94 47.06 14.89
C SER P 12 6.54 47.89 13.68
N LEU P 13 5.46 48.64 13.80
CA LEU P 13 5.01 49.47 12.70
C LEU P 13 6.07 50.50 12.32
N LYS P 14 6.08 50.84 11.02
CA LYS P 14 6.99 51.82 10.44
C LYS P 14 8.46 51.49 10.57
N SER P 15 8.75 50.26 11.01
CA SER P 15 10.13 49.79 11.19
C SER P 15 10.40 48.63 10.23
N PRO P 16 11.68 48.40 9.90
CA PRO P 16 12.01 47.31 8.97
C PRO P 16 11.81 45.90 9.56
N VAL P 17 11.47 44.94 8.71
CA VAL P 17 11.29 43.56 9.16
C VAL P 17 11.70 42.53 8.10
N ILE P 18 11.39 41.27 8.37
CA ILE P 18 11.72 40.17 7.48
C ILE P 18 10.57 39.19 7.54
N VAL P 19 9.96 38.90 6.41
CA VAL P 19 8.83 37.99 6.39
C VAL P 19 9.32 36.76 5.67
N ARG P 20 8.88 35.59 6.09
CA ARG P 20 9.33 34.36 5.47
C ARG P 20 8.13 33.54 5.01
N LEU P 21 7.97 33.45 3.68
CA LEU P 21 6.84 32.75 3.06
C LEU P 21 7.03 31.26 2.84
N LYS P 22 5.92 30.56 2.55
CA LYS P 22 6.01 29.13 2.27
C LYS P 22 6.82 29.01 0.97
N GLY P 23 7.21 27.82 0.56
CA GLY P 23 7.99 27.72 -0.65
C GLY P 23 9.44 28.14 -0.43
N GLY P 24 9.67 29.29 0.18
CA GLY P 24 11.05 29.68 0.43
C GLY P 24 11.54 31.12 0.28
N ARG P 25 10.85 31.97 -0.47
CA ARG P 25 11.35 33.34 -0.63
C ARG P 25 11.08 34.15 0.62
N GLU P 26 11.53 35.40 0.63
CA GLU P 26 11.29 36.26 1.78
C GLU P 26 11.53 37.73 1.51
N PHE P 27 10.60 38.57 1.93
CA PHE P 27 10.72 40.01 1.73
C PHE P 27 11.45 40.68 2.86
N ARG P 28 11.88 41.91 2.57
CA ARG P 28 12.55 42.77 3.51
C ARG P 28 12.03 44.16 3.24
N GLY P 29 11.47 44.81 4.26
CA GLY P 29 10.94 46.15 4.05
C GLY P 29 10.24 46.70 5.27
N THR P 30 9.55 47.82 5.11
CA THR P 30 8.87 48.47 6.22
C THR P 30 7.44 48.02 6.48
N LEU P 31 7.21 47.44 7.65
CA LEU P 31 5.89 46.99 8.05
C LEU P 31 4.97 48.21 8.14
N ASP P 32 4.08 48.38 7.18
CA ASP P 32 3.20 49.55 7.17
C ASP P 32 1.83 49.27 7.80
N GLY P 33 1.46 48.00 7.89
CA GLY P 33 0.17 47.66 8.46
C GLY P 33 -0.02 46.16 8.54
N TYR P 34 -1.19 45.74 8.98
CA TYR P 34 -1.48 44.32 9.10
C TYR P 34 -2.95 44.21 9.51
N ASP P 35 -3.45 42.99 9.64
CA ASP P 35 -4.83 42.79 10.05
C ASP P 35 -5.06 41.41 10.69
N ILE P 36 -6.24 41.21 11.25
CA ILE P 36 -6.61 39.97 11.92
C ILE P 36 -6.09 38.67 11.27
N HIS P 37 -6.21 38.54 9.96
CA HIS P 37 -5.78 37.33 9.25
C HIS P 37 -4.25 37.28 9.12
N MET P 38 -3.64 38.40 9.48
CA MET P 38 -2.20 38.59 9.43
C MET P 38 -1.70 38.96 8.03
N ASN P 39 -2.54 39.66 7.27
CA ASN P 39 -2.14 40.11 5.95
C ASN P 39 -1.20 41.24 6.28
N LEU P 40 -0.15 41.43 5.50
CA LEU P 40 0.79 42.50 5.79
C LEU P 40 0.88 43.49 4.64
N VAL P 41 1.53 44.61 4.90
CA VAL P 41 1.73 45.64 3.91
C VAL P 41 3.15 46.12 4.13
N LEU P 42 3.99 46.02 3.12
CA LEU P 42 5.37 46.44 3.26
C LEU P 42 5.71 47.52 2.25
N LEU P 43 6.45 48.53 2.68
CA LEU P 43 6.86 49.61 1.79
C LEU P 43 8.36 49.45 1.55
N ASP P 44 8.82 49.85 0.36
CA ASP P 44 10.22 49.78 -0.05
C ASP P 44 10.85 48.46 0.35
N ALA P 45 10.37 47.38 -0.25
CA ALA P 45 10.86 46.04 0.04
C ALA P 45 11.56 45.35 -1.13
N GLU P 46 12.18 44.21 -0.82
CA GLU P 46 12.89 43.43 -1.81
C GLU P 46 12.49 41.98 -1.58
N GLU P 47 12.48 41.21 -2.65
CA GLU P 47 12.16 39.79 -2.58
C GLU P 47 13.50 39.07 -2.61
N ILE P 48 13.67 38.11 -1.70
CA ILE P 48 14.93 37.39 -1.65
C ILE P 48 14.74 35.88 -1.69
N GLN P 49 15.61 35.19 -2.44
CA GLN P 49 15.56 33.74 -2.56
C GLN P 49 16.99 33.21 -2.40
N ASN P 50 17.15 32.21 -1.52
CA ASN P 50 18.46 31.61 -1.24
C ASN P 50 19.60 32.63 -1.16
N GLY P 51 19.30 33.90 -0.90
CA GLY P 51 20.36 34.88 -0.81
C GLY P 51 20.41 35.98 -1.87
N GLU P 52 19.73 35.77 -2.99
CA GLU P 52 19.72 36.79 -4.06
C GLU P 52 18.39 37.54 -4.24
N VAL P 53 18.49 38.87 -4.34
CA VAL P 53 17.30 39.68 -4.53
C VAL P 53 16.73 39.34 -5.88
N VAL P 54 15.47 38.91 -5.92
CA VAL P 54 14.82 38.59 -7.18
C VAL P 54 13.90 39.72 -7.66
N ARG P 55 13.80 40.78 -6.85
CA ARG P 55 12.96 41.92 -7.21
C ARG P 55 12.78 42.97 -6.12
N LYS P 56 12.43 44.18 -6.55
CA LYS P 56 12.17 45.32 -5.69
C LYS P 56 10.79 45.89 -5.98
N VAL P 57 10.14 46.45 -4.95
CA VAL P 57 8.80 47.01 -5.11
C VAL P 57 8.49 48.14 -4.13
N GLY P 58 7.78 49.14 -4.63
CA GLY P 58 7.39 50.28 -3.81
C GLY P 58 6.60 49.81 -2.61
N SER P 59 5.72 48.83 -2.82
CA SER P 59 4.94 48.26 -1.72
C SER P 59 4.29 46.94 -2.13
N VAL P 60 3.77 46.22 -1.15
CA VAL P 60 3.13 44.93 -1.38
C VAL P 60 2.13 44.58 -0.29
N VAL P 61 1.16 43.75 -0.65
CA VAL P 61 0.18 43.28 0.29
C VAL P 61 0.39 41.78 0.24
N ILE P 62 0.71 41.20 1.41
CA ILE P 62 0.99 39.77 1.51
C ILE P 62 -0.15 39.00 2.20
N ARG P 63 -0.70 38.01 1.51
CA ARG P 63 -1.77 37.21 2.08
C ARG P 63 -1.23 36.53 3.33
N GLY P 64 -1.94 36.70 4.43
CA GLY P 64 -1.54 36.10 5.68
C GLY P 64 -1.32 34.60 5.62
N ASP P 65 -2.23 33.90 4.98
CA ASP P 65 -2.14 32.44 4.83
C ASP P 65 -0.79 32.02 4.21
N THR P 66 -0.06 32.95 3.62
CA THR P 66 1.21 32.64 2.99
C THR P 66 2.44 32.79 3.90
N VAL P 67 2.27 33.49 5.03
CA VAL P 67 3.36 33.75 5.95
C VAL P 67 3.72 32.64 6.92
N VAL P 68 5.01 32.49 7.17
CA VAL P 68 5.52 31.49 8.11
C VAL P 68 5.96 32.24 9.35
N PHE P 69 6.69 33.35 9.16
CA PHE P 69 7.11 34.16 10.31
C PHE P 69 7.55 35.59 10.02
N VAL P 70 7.40 36.46 11.02
CA VAL P 70 7.79 37.86 10.89
C VAL P 70 8.78 38.16 12.01
N SER P 71 9.90 38.77 11.67
CA SER P 71 10.91 39.09 12.65
C SER P 71 11.52 40.47 12.36
N PRO P 72 11.73 41.27 13.41
CA PRO P 72 12.31 42.61 13.27
C PRO P 72 13.79 42.55 12.89
N ALA P 73 14.28 43.60 12.21
CA ALA P 73 15.68 43.64 11.78
C ALA P 73 16.51 44.65 12.56
#